data_8KHR
#
_entry.id   8KHR
#
_cell.length_a   1.00
_cell.length_b   1.00
_cell.length_c   1.00
_cell.angle_alpha   90.00
_cell.angle_beta   90.00
_cell.angle_gamma   90.00
#
_symmetry.space_group_name_H-M   'P 1'
#
loop_
_entity.id
_entity.type
_entity.pdbx_description
1 polymer 'Soluble gp42'
2 polymer '2C1 heavy chain'
3 polymer '2C1 light chain'
4 polymer 'Envelope glycoprotein H'
5 polymer 'Envelope glycoprotein L'
#
loop_
_entity_poly.entity_id
_entity_poly.type
_entity_poly.pdbx_seq_one_letter_code
_entity_poly.pdbx_strand_id
1 'polypeptide(L)'
;GGRVAAAAITWVPKPNVEVWPVDPPPPVNFNKTAEQEYGDKEVKLPHWTPTLHTFQVPQNYTKANCTYCNTREYTFSYKG
CCFYFTKKKHTWNGCFQACAELYPCTYFYGPTPDILPVVTRNLNAIESLWVGVYRVGEGNWTSLDGGTFKVYQIFGSHCT
YVSKFSTVPVSHHECSFLKPCLCVSQRSNSHHHHHH
;
C
2 'polypeptide(L)'
;QLVQSGAEVKKPGSSVKVSCRASGGTFDTYAISWVRQAPGHGLEWMGGIIPVSGTANYAQKFQGRVTITADESTGTAYMD
LSSLRSEDTAVYYCARVPDYGTNTPFDYWGQ
;
H
3 'polypeptide(L)'
;DIRLTQSPSSLPASVGDRVTITCRASQDIATYLAWYQQKPGRAPNLLIYATSTLQSGVPPRFSGSRSGTDFTLTISSLQP
EDFATYYCQQLRTYPITFGQGTRLEIK
;
L
4 'polypeptide(L)'
;LSEVKLHLDIEGHASHYTIPWTELMAKVPGLSPEALWREANVTEDLASMLNRYKLIYKTSGTLGIALAEPVDIPAVSEGS
MQVDASKVHPGVISGLNSPACMLSAPLEKQLFYYIGTMLPNTRPHSYVFYQLRCHLSYVALSINGDKFQYTGAMTSKFLM
GTYKRVTEKGDEHVLSLVFGKTKDLPDLRGPFSYPSLTSAQSGDYSLVIVTTFVHYANFHNYFVPNLKDMFSRAVTMTAA
SYARYVLQKLVLLEMKGGCREPELDTETLTTMFEVSVAFFKVGHAVGETGNGCVDLRWLAKSFFELTVLKDIIGICYGAT
VKGMQSYGLERLAAMLMATVKMEELGHLTTEKQEYALRLATVGYPKAGVYSGLIGGATSVLLSAYNRHPLFQPLHTVMRE
TLFIGSHVVLRELRLNVTTQGPNLALYQLLSTALCSALEIGEVLRGLALGTESGLFSPCYLSLRFDLTRDKLLSMAPQEA
TLDQAAVSNAVDGFLGRLSLEREDRDAWHLPAYKCVDRLDKVLMIIPLINVTFIISSDREVRGSALYEASTTYLSSSLFL
SPVIMNKCSQGAVAGEPRQIPKIQNFTRTQKSCIFCGFALLSYDEKEGLETTTYITSQEVQNSILSSNYFDFDNLHVHYL
LLTTNGTVMEIAGLY
;
A
5 'polypeptide(L)'
;PCCHVTQLRAQHLLALENISDIYLVSNQTCDGFSLASLNSPKNGSNQLVISRCANGLNVVSFFISILKRSSSALTGHLRE
LLTTLETLYGSFSVEDLFGANLNRYAW
;
B
#
# COMPACT_ATOMS: atom_id res chain seq x y z
N THR A 10 50.10 -46.43 -10.08
CA THR A 10 49.37 -47.62 -9.67
C THR A 10 47.93 -47.58 -10.18
N TRP A 11 47.22 -46.49 -9.87
CA TRP A 11 45.84 -46.28 -10.27
C TRP A 11 44.95 -47.42 -9.77
N VAL A 12 44.95 -47.60 -8.46
CA VAL A 12 44.13 -48.64 -7.83
C VAL A 12 42.66 -48.28 -7.99
N PRO A 13 41.79 -49.23 -8.33
CA PRO A 13 40.35 -48.92 -8.42
C PRO A 13 39.81 -48.43 -7.07
N LYS A 14 38.89 -47.48 -7.15
CA LYS A 14 38.34 -46.84 -5.97
C LYS A 14 36.82 -46.91 -5.99
N PRO A 15 36.17 -46.91 -4.83
CA PRO A 15 34.71 -46.93 -4.79
C PRO A 15 34.12 -45.60 -5.21
N ASN A 16 32.81 -45.61 -5.43
CA ASN A 16 32.10 -44.43 -5.90
C ASN A 16 31.99 -43.40 -4.79
N VAL A 17 31.34 -42.28 -5.10
CA VAL A 17 31.14 -41.19 -4.15
C VAL A 17 29.74 -41.30 -3.57
N GLU A 18 29.65 -41.30 -2.25
CA GLU A 18 28.37 -41.45 -1.55
C GLU A 18 28.21 -40.34 -0.52
N VAL A 19 26.95 -40.02 -0.22
CA VAL A 19 26.66 -38.96 0.73
C VAL A 19 27.00 -39.41 2.15
N TRP A 20 27.36 -38.45 2.99
CA TRP A 20 27.70 -38.74 4.36
C TRP A 20 26.46 -39.16 5.15
N PRO A 21 26.61 -40.06 6.12
CA PRO A 21 25.45 -40.47 6.92
C PRO A 21 24.91 -39.33 7.76
N VAL A 22 23.61 -39.40 8.05
CA VAL A 22 22.91 -38.39 8.83
C VAL A 22 22.16 -39.05 9.97
N ASP A 23 21.92 -38.28 11.02
CA ASP A 23 21.24 -38.77 12.20
C ASP A 23 19.75 -38.90 11.96
N PRO A 24 19.07 -39.76 12.71
CA PRO A 24 17.61 -39.87 12.57
C PRO A 24 16.95 -38.57 13.01
N PRO A 25 15.78 -38.26 12.44
CA PRO A 25 15.12 -37.00 12.80
C PRO A 25 14.68 -37.02 14.25
N PRO A 26 14.65 -35.87 14.91
CA PRO A 26 14.16 -35.82 16.30
C PRO A 26 12.71 -36.21 16.37
N PRO A 27 12.29 -36.91 17.43
CA PRO A 27 10.88 -37.30 17.55
C PRO A 27 9.98 -36.09 17.73
N VAL A 28 8.79 -36.20 17.16
CA VAL A 28 7.78 -35.16 17.31
C VAL A 28 6.81 -35.59 18.41
N ASN A 29 6.16 -34.60 19.02
CA ASN A 29 5.32 -34.82 20.19
C ASN A 29 3.86 -34.60 19.82
N PHE A 30 3.05 -35.64 19.98
CA PHE A 30 1.60 -35.53 19.83
C PHE A 30 0.93 -35.24 21.18
N ASN A 31 1.46 -34.25 21.89
CA ASN A 31 0.94 -33.89 23.20
C ASN A 31 0.76 -32.41 23.41
N LYS A 32 1.30 -31.54 22.55
CA LYS A 32 1.16 -30.10 22.73
C LYS A 32 -0.29 -29.69 22.59
N THR A 33 -0.73 -28.80 23.47
CA THR A 33 -2.11 -28.32 23.44
C THR A 33 -2.28 -27.30 22.32
N ALA A 34 -3.55 -27.07 21.96
CA ALA A 34 -3.85 -26.07 20.92
C ALA A 34 -3.40 -24.69 21.34
N GLU A 35 -3.66 -24.31 22.60
CA GLU A 35 -3.20 -23.00 23.09
C GLU A 35 -1.68 -22.95 23.21
N GLN A 36 -1.08 -24.03 23.72
CA GLN A 36 0.37 -24.04 23.91
C GLN A 36 1.11 -23.93 22.58
N GLU A 37 0.64 -24.66 21.56
CA GLU A 37 1.29 -24.60 20.27
C GLU A 37 1.09 -23.25 19.59
N TYR A 38 -0.10 -22.66 19.75
CA TYR A 38 -0.44 -21.42 19.09
C TYR A 38 -0.07 -20.24 19.98
N GLY A 39 -0.64 -19.07 19.70
CA GLY A 39 -0.30 -17.85 20.40
C GLY A 39 -0.77 -17.77 21.85
N ASP A 40 -1.36 -18.86 22.35
CA ASP A 40 -1.79 -18.99 23.73
C ASP A 40 -2.89 -18.00 24.11
N LYS A 41 -3.52 -17.37 23.12
CA LYS A 41 -4.65 -16.48 23.38
C LYS A 41 -5.48 -16.33 22.11
N GLU A 42 -6.76 -16.73 22.19
CA GLU A 42 -7.64 -16.65 21.04
C GLU A 42 -7.87 -15.21 20.61
N VAL A 43 -8.02 -14.30 21.58
CA VAL A 43 -8.34 -12.91 21.29
C VAL A 43 -7.06 -12.17 20.95
N LYS A 44 -7.10 -11.41 19.86
CA LYS A 44 -5.95 -10.59 19.44
C LYS A 44 -6.44 -9.22 19.02
N LEU A 45 -5.55 -8.43 18.43
CA LEU A 45 -5.90 -7.10 17.94
C LEU A 45 -4.95 -6.77 16.80
N PRO A 46 -5.44 -6.12 15.75
CA PRO A 46 -4.57 -5.81 14.61
C PRO A 46 -3.39 -4.96 15.03
N HIS A 47 -2.23 -5.26 14.45
CA HIS A 47 -0.99 -4.61 14.86
C HIS A 47 -0.93 -3.19 14.30
N TRP A 48 -0.69 -2.23 15.18
CA TRP A 48 -0.47 -0.84 14.78
C TRP A 48 0.97 -0.44 15.08
N THR A 49 1.54 0.40 14.23
CA THR A 49 2.93 0.83 14.34
C THR A 49 2.97 2.35 14.32
N PRO A 50 2.60 3.00 15.42
CA PRO A 50 2.64 4.46 15.47
C PRO A 50 4.07 4.98 15.45
N THR A 51 4.24 6.17 14.90
CA THR A 51 5.53 6.83 14.80
C THR A 51 5.51 8.12 15.60
N LEU A 52 6.61 8.88 15.52
CA LEU A 52 6.75 10.14 16.22
C LEU A 52 7.31 11.18 15.27
N HIS A 53 7.02 12.44 15.57
CA HIS A 53 7.42 13.57 14.73
C HIS A 53 8.05 14.65 15.59
N THR A 54 8.87 15.48 14.95
CA THR A 54 9.57 16.55 15.64
C THR A 54 8.59 17.66 16.04
N PHE A 55 9.10 18.62 16.81
CA PHE A 55 8.28 19.71 17.32
C PHE A 55 8.94 21.06 17.02
N GLN A 56 8.36 22.13 17.56
CA GLN A 56 8.91 23.47 17.42
C GLN A 56 9.39 23.95 18.78
N VAL A 57 10.66 24.37 18.85
CA VAL A 57 11.25 24.82 20.10
C VAL A 57 11.93 26.17 19.88
N PRO A 58 11.58 27.20 20.66
CA PRO A 58 12.23 28.51 20.49
C PRO A 58 13.54 28.60 21.26
N GLN A 59 14.64 28.77 20.54
CA GLN A 59 15.97 28.85 21.13
C GLN A 59 16.67 30.12 20.64
N ASN A 60 17.83 30.38 21.24
CA ASN A 60 18.70 31.49 20.85
C ASN A 60 17.99 32.84 20.95
N TYR A 61 17.46 33.31 19.82
CA TYR A 61 16.84 34.63 19.78
C TYR A 61 15.62 34.70 20.69
N THR A 62 15.54 35.77 21.47
CA THR A 62 14.43 36.01 22.38
C THR A 62 14.15 37.51 22.41
N LYS A 63 13.29 37.92 23.34
CA LYS A 63 12.97 39.33 23.48
C LYS A 63 14.19 40.13 23.94
N ALA A 64 14.33 41.33 23.40
CA ALA A 64 15.45 42.20 23.75
C ALA A 64 15.16 42.91 25.07
N ASN A 65 16.00 43.88 25.42
CA ASN A 65 15.86 44.63 26.66
C ASN A 65 15.36 46.03 26.36
N CYS A 66 14.27 46.42 27.02
CA CYS A 66 13.67 47.74 26.88
C CYS A 66 13.30 48.05 25.43
N THR A 67 13.11 49.33 25.11
CA THR A 67 12.75 49.73 23.77
C THR A 67 13.30 51.13 23.50
N TYR A 68 13.40 51.46 22.22
CA TYR A 68 13.98 52.73 21.78
C TYR A 68 13.14 53.32 20.64
N CYS A 69 11.84 53.05 20.67
CA CYS A 69 10.94 53.42 19.59
C CYS A 69 9.93 54.45 20.09
N ASN A 70 9.12 54.95 19.15
CA ASN A 70 8.17 56.02 19.44
C ASN A 70 6.72 55.56 19.33
N THR A 71 6.32 55.06 18.17
CA THR A 71 4.93 54.66 17.94
C THR A 71 4.88 53.81 16.67
N ARG A 72 3.67 53.36 16.33
CA ARG A 72 3.46 52.53 15.15
C ARG A 72 3.77 53.31 13.88
N GLU A 73 4.84 52.94 13.19
CA GLU A 73 5.26 53.63 11.99
C GLU A 73 6.25 52.75 11.23
N TYR A 74 6.35 52.98 9.92
CA TYR A 74 7.23 52.22 9.04
C TYR A 74 8.31 53.14 8.51
N THR A 75 9.56 52.80 8.77
CA THR A 75 10.71 53.48 8.19
C THR A 75 11.80 52.46 7.90
N PHE A 76 12.61 52.76 6.88
CA PHE A 76 13.76 51.93 6.54
C PHE A 76 15.01 52.39 7.30
N SER A 77 14.89 52.52 8.60
CA SER A 77 15.96 53.04 9.44
C SER A 77 15.84 52.39 10.82
N TYR A 78 16.51 52.98 11.81
CA TYR A 78 16.54 52.46 13.17
C TYR A 78 15.34 52.89 14.00
N LYS A 79 14.41 53.65 13.42
CA LYS A 79 13.22 54.12 14.13
C LYS A 79 12.00 53.35 13.65
N GLY A 80 11.06 53.10 14.58
CA GLY A 80 9.85 52.37 14.26
C GLY A 80 9.52 51.30 15.28
N CYS A 81 8.30 51.32 15.81
CA CYS A 81 7.93 50.38 16.87
C CYS A 81 7.58 49.01 16.31
N CYS A 82 6.58 48.95 15.43
CA CYS A 82 6.11 47.68 14.85
C CYS A 82 6.14 47.79 13.33
N PHE A 83 7.32 47.55 12.75
CA PHE A 83 7.51 47.55 11.30
C PHE A 83 8.92 47.11 10.94
N TYR A 84 9.08 46.57 9.72
CA TYR A 84 10.39 46.17 9.23
C TYR A 84 10.32 46.06 7.72
N PHE A 85 11.49 45.91 7.10
CA PHE A 85 11.56 45.79 5.65
C PHE A 85 11.08 44.42 5.21
N THR A 86 11.15 44.17 3.90
CA THR A 86 10.72 42.90 3.32
C THR A 86 11.90 41.93 3.33
N LYS A 87 11.79 40.86 4.12
CA LYS A 87 12.85 39.86 4.16
C LYS A 87 13.00 39.16 2.82
N LYS A 88 11.87 38.83 2.18
CA LYS A 88 11.76 38.21 0.85
C LYS A 88 12.27 36.77 0.83
N LYS A 89 12.82 36.26 1.94
CA LYS A 89 13.37 34.91 1.96
C LYS A 89 13.15 34.35 3.36
N HIS A 90 12.05 33.60 3.55
CA HIS A 90 11.76 33.01 4.84
C HIS A 90 10.80 31.84 4.63
N THR A 91 10.82 30.92 5.59
CA THR A 91 9.93 29.77 5.60
C THR A 91 9.41 29.48 7.01
N TRP A 92 9.25 30.52 7.82
CA TRP A 92 8.80 30.48 9.20
C TRP A 92 9.83 29.82 10.12
N ASN A 93 10.89 29.25 9.58
CA ASN A 93 12.00 28.75 10.37
C ASN A 93 13.19 29.70 10.34
N GLY A 94 13.64 30.09 9.15
CA GLY A 94 14.58 31.19 9.04
C GLY A 94 13.98 32.54 9.37
N CYS A 95 12.65 32.65 9.30
CA CYS A 95 11.98 33.88 9.73
C CYS A 95 12.15 34.10 11.23
N PHE A 96 12.13 33.02 12.02
CA PHE A 96 12.33 33.14 13.46
C PHE A 96 13.73 33.62 13.81
N GLN A 97 14.69 33.50 12.88
CA GLN A 97 16.03 34.02 13.13
C GLN A 97 16.01 35.53 13.32
N ALA A 98 15.21 36.24 12.50
CA ALA A 98 15.05 37.68 12.59
C ALA A 98 16.40 38.40 12.44
N CYS A 99 16.97 38.28 11.24
CA CYS A 99 18.27 38.85 10.94
C CYS A 99 18.12 40.37 10.82
N ALA A 100 18.05 41.03 11.97
CA ALA A 100 17.88 42.47 12.03
C ALA A 100 18.47 42.97 13.34
N GLU A 101 18.59 44.29 13.45
CA GLU A 101 19.19 44.93 14.62
C GLU A 101 18.17 44.91 15.76
N LEU A 102 18.27 43.86 16.59
CA LEU A 102 17.44 43.71 17.79
C LEU A 102 15.95 43.71 17.46
N TYR A 103 15.55 42.70 16.69
CA TYR A 103 14.14 42.50 16.37
C TYR A 103 13.51 41.62 17.45
N PRO A 104 12.54 42.12 18.23
CA PRO A 104 11.94 41.30 19.29
C PRO A 104 11.10 40.14 18.78
N CYS A 105 10.92 40.00 17.48
CA CYS A 105 10.13 38.93 16.88
C CYS A 105 10.53 38.83 15.41
N THR A 106 9.72 38.10 14.63
CA THR A 106 9.89 38.14 13.18
C THR A 106 9.74 39.57 12.66
N TYR A 107 8.80 40.32 13.23
CA TYR A 107 8.71 41.75 13.00
C TYR A 107 9.53 42.47 14.08
N PHE A 108 9.41 43.79 14.16
CA PHE A 108 9.98 44.49 15.30
C PHE A 108 9.16 44.23 16.56
N TYR A 109 7.84 44.16 16.42
CA TYR A 109 6.93 43.84 17.51
C TYR A 109 6.02 42.70 17.11
N GLY A 110 5.59 41.93 18.10
CA GLY A 110 4.71 40.81 17.86
C GLY A 110 3.30 41.26 17.50
N PRO A 111 2.53 40.37 16.87
CA PRO A 111 1.17 40.72 16.50
C PRO A 111 0.29 40.99 17.72
N THR A 112 -0.66 41.89 17.55
CA THR A 112 -1.57 42.30 18.60
C THR A 112 -2.98 42.42 18.02
N PRO A 113 -4.01 42.26 18.85
CA PRO A 113 -5.39 42.39 18.36
C PRO A 113 -5.83 43.82 18.08
N ASP A 114 -4.93 44.80 18.16
CA ASP A 114 -5.27 46.18 17.82
C ASP A 114 -4.30 46.76 16.80
N ILE A 115 -3.05 46.28 16.82
CA ILE A 115 -2.05 46.72 15.86
C ILE A 115 -2.35 46.18 14.48
N LEU A 116 -3.10 45.09 14.39
CA LEU A 116 -3.38 44.43 13.11
C LEU A 116 -3.92 45.35 12.03
N PRO A 117 -4.85 46.27 12.30
CA PRO A 117 -5.32 47.16 11.24
C PRO A 117 -4.23 48.05 10.66
N VAL A 118 -3.25 48.46 11.48
CA VAL A 118 -2.21 49.36 10.99
C VAL A 118 -1.37 48.67 9.93
N VAL A 119 -0.91 47.45 10.23
CA VAL A 119 -0.12 46.71 9.25
C VAL A 119 -0.98 46.27 8.08
N THR A 120 -2.26 45.97 8.33
CA THR A 120 -3.15 45.58 7.25
C THR A 120 -3.34 46.72 6.26
N ARG A 121 -3.37 47.97 6.73
CA ARG A 121 -3.53 49.10 5.84
C ARG A 121 -2.35 49.23 4.88
N ASN A 122 -1.13 49.09 5.40
CA ASN A 122 0.07 49.19 4.57
C ASN A 122 0.53 47.77 4.22
N LEU A 123 -0.27 47.12 3.38
CA LEU A 123 -0.01 45.74 2.95
C LEU A 123 -0.24 45.65 1.44
N ASN A 124 0.32 46.60 0.70
CA ASN A 124 0.08 46.71 -0.74
C ASN A 124 0.94 45.70 -1.48
N ALA A 125 0.30 44.62 -1.94
CA ALA A 125 0.95 43.56 -2.73
C ALA A 125 1.94 42.74 -1.90
N ILE A 126 1.75 42.69 -0.59
CA ILE A 126 2.46 41.75 0.28
C ILE A 126 1.39 40.84 0.87
N GLU A 127 0.33 40.59 0.09
CA GLU A 127 -0.83 39.82 0.58
C GLU A 127 -0.41 38.77 1.61
N SER A 128 0.61 37.98 1.30
CA SER A 128 1.00 36.89 2.18
C SER A 128 2.24 37.29 2.95
N LEU A 129 2.17 37.23 4.28
CA LEU A 129 3.32 37.45 5.13
C LEU A 129 3.17 36.64 6.41
N TRP A 130 4.29 36.33 7.03
CA TRP A 130 4.33 35.41 8.17
C TRP A 130 4.38 36.22 9.46
N VAL A 131 3.39 35.98 10.34
CA VAL A 131 3.33 36.64 11.63
C VAL A 131 4.10 35.79 12.64
N GLY A 132 4.91 36.44 13.47
CA GLY A 132 5.72 35.74 14.43
C GLY A 132 4.92 35.23 15.62
N VAL A 133 4.03 34.27 15.37
CA VAL A 133 3.24 33.62 16.41
C VAL A 133 3.26 32.12 16.16
N TYR A 134 3.48 31.34 17.21
CA TYR A 134 3.62 29.90 17.07
C TYR A 134 2.84 29.22 18.18
N ARG A 135 2.98 27.89 18.26
CA ARG A 135 2.42 27.07 19.33
C ARG A 135 3.51 26.14 19.84
N VAL A 136 3.17 25.33 20.83
CA VAL A 136 4.12 24.40 21.43
C VAL A 136 3.56 22.99 21.39
N GLY A 137 2.62 22.75 20.47
CA GLY A 137 1.99 21.46 20.35
C GLY A 137 0.85 21.20 21.31
N GLU A 138 0.49 22.19 22.14
CA GLU A 138 -0.61 22.05 23.09
C GLU A 138 -1.51 23.28 23.06
N GLY A 139 -1.57 23.97 21.93
CA GLY A 139 -2.36 25.17 21.84
C GLY A 139 -1.77 26.32 22.64
N ASN A 140 -2.62 27.29 22.95
CA ASN A 140 -2.26 28.45 23.76
C ASN A 140 -1.09 29.21 23.14
N TRP A 141 -1.36 29.76 21.96
CA TRP A 141 -0.35 30.49 21.19
C TRP A 141 0.21 31.65 22.00
N THR A 142 1.48 31.56 22.39
CA THR A 142 2.17 32.60 23.16
C THR A 142 3.54 32.79 22.54
N SER A 143 3.62 33.67 21.55
CA SER A 143 4.84 33.83 20.76
C SER A 143 6.02 34.31 21.60
N LEU A 144 5.95 35.56 22.09
CA LEU A 144 7.03 36.11 22.90
C LEU A 144 6.55 36.99 24.05
N ASP A 145 5.24 37.12 24.25
CA ASP A 145 4.74 37.95 25.34
C ASP A 145 3.58 37.30 26.09
N GLY A 146 3.19 36.08 25.74
CA GLY A 146 2.07 35.45 26.41
C GLY A 146 0.74 36.07 26.00
N GLY A 147 -0.24 35.92 26.89
CA GLY A 147 -1.57 36.45 26.68
C GLY A 147 -2.51 35.56 25.91
N THR A 148 -2.02 34.44 25.37
CA THR A 148 -2.83 33.48 24.62
C THR A 148 -3.62 34.17 23.50
N PHE A 149 -2.88 34.70 22.54
CA PHE A 149 -3.49 35.41 21.42
C PHE A 149 -4.47 34.50 20.69
N LYS A 150 -5.66 35.00 20.44
CA LYS A 150 -6.72 34.20 19.83
C LYS A 150 -6.38 33.92 18.37
N VAL A 151 -6.53 32.66 17.96
CA VAL A 151 -6.26 32.24 16.59
C VAL A 151 -7.15 31.04 16.27
N TYR A 152 -7.92 31.15 15.19
CA TYR A 152 -8.81 30.09 14.75
C TYR A 152 -8.28 29.52 13.43
N GLN A 153 -8.06 28.21 13.41
CA GLN A 153 -7.54 27.52 12.23
C GLN A 153 -7.57 26.03 12.47
N ILE A 154 -7.55 25.28 11.38
CA ILE A 154 -7.49 23.82 11.43
C ILE A 154 -6.29 23.35 10.62
N PHE A 155 -6.20 23.80 9.38
CA PHE A 155 -5.09 23.46 8.50
C PHE A 155 -3.85 24.24 8.93
N GLY A 156 -2.84 23.53 9.42
CA GLY A 156 -1.62 24.14 9.90
C GLY A 156 -1.28 23.66 11.30
N SER A 157 0.02 23.59 11.60
CA SER A 157 0.49 23.07 12.87
C SER A 157 1.18 24.14 13.72
N HIS A 158 2.20 24.81 13.18
CA HIS A 158 2.97 25.75 13.98
C HIS A 158 3.34 27.02 13.21
N CYS A 159 2.66 27.31 12.11
CA CYS A 159 2.90 28.51 11.33
C CYS A 159 1.67 29.40 11.36
N THR A 160 1.89 30.71 11.23
CA THR A 160 0.81 31.69 11.23
C THR A 160 1.03 32.71 10.13
N TYR A 161 -0.06 33.24 9.61
CA TYR A 161 0.01 34.27 8.58
C TYR A 161 -1.30 35.04 8.57
N VAL A 162 -1.23 36.28 8.06
CA VAL A 162 -2.39 37.15 7.96
C VAL A 162 -2.38 37.82 6.59
N SER A 163 -3.54 38.36 6.21
CA SER A 163 -3.70 39.03 4.94
C SER A 163 -4.55 40.28 5.16
N LYS A 164 -4.83 41.00 4.07
CA LYS A 164 -5.64 42.21 4.16
C LYS A 164 -7.04 41.89 4.67
N PHE A 165 -7.64 40.81 4.17
CA PHE A 165 -8.98 40.42 4.57
C PHE A 165 -9.01 39.58 5.83
N SER A 166 -7.91 39.52 6.57
CA SER A 166 -7.81 38.69 7.77
C SER A 166 -7.51 39.56 8.98
N THR A 167 -8.20 39.30 10.09
CA THR A 167 -7.94 39.99 11.34
C THR A 167 -7.38 39.04 12.40
N VAL A 168 -8.09 37.97 12.71
CA VAL A 168 -7.59 36.99 13.68
C VAL A 168 -6.56 36.11 12.99
N PRO A 169 -5.37 35.93 13.57
CA PRO A 169 -4.34 35.11 12.91
C PRO A 169 -4.84 33.70 12.65
N VAL A 170 -4.47 33.17 11.47
CA VAL A 170 -4.84 31.83 11.06
C VAL A 170 -3.57 31.08 10.64
N SER A 171 -3.62 29.76 10.75
CA SER A 171 -2.44 28.93 10.53
C SER A 171 -2.27 28.59 9.06
N HIS A 172 -1.05 28.68 8.57
CA HIS A 172 -0.73 28.23 7.23
C HIS A 172 -0.63 26.71 7.21
N HIS A 173 -1.27 26.08 6.23
CA HIS A 173 -1.31 24.61 6.17
C HIS A 173 0.07 24.00 5.95
N GLU A 174 1.03 24.77 5.46
CA GLU A 174 2.39 24.29 5.25
C GLU A 174 3.37 25.33 5.78
N CYS A 175 4.55 24.84 6.16
CA CYS A 175 5.59 25.71 6.72
C CYS A 175 6.70 26.01 5.74
N SER A 176 7.02 25.07 4.84
CA SER A 176 8.13 25.25 3.91
C SER A 176 7.86 26.31 2.85
N PHE A 177 6.63 26.81 2.75
CA PHE A 177 6.30 27.81 1.74
C PHE A 177 7.06 29.10 1.99
N LEU A 178 7.41 29.79 0.89
CA LEU A 178 8.15 31.04 0.96
C LEU A 178 7.23 32.13 1.49
N LYS A 179 7.34 32.43 2.79
CA LYS A 179 6.50 33.43 3.42
C LYS A 179 7.33 34.66 3.76
N PRO A 180 7.21 35.76 3.03
CA PRO A 180 7.98 36.96 3.36
C PRO A 180 7.63 37.48 4.75
N CYS A 181 8.62 38.06 5.41
CA CYS A 181 8.47 38.60 6.75
C CYS A 181 8.65 40.11 6.72
N LEU A 182 7.77 40.82 7.45
CA LEU A 182 7.84 42.27 7.51
C LEU A 182 8.39 42.72 8.87
N GLN B 1 -31.32 39.00 10.58
CA GLN B 1 -31.47 37.80 9.78
C GLN B 1 -31.84 38.16 8.34
N LEU B 2 -32.57 39.28 8.20
CA LEU B 2 -32.96 39.82 6.90
C LEU B 2 -32.37 41.22 6.75
N VAL B 3 -31.78 41.49 5.60
CA VAL B 3 -31.06 42.74 5.36
C VAL B 3 -31.58 43.38 4.08
N GLN B 4 -31.85 44.68 4.15
CA GLN B 4 -32.25 45.47 2.99
C GLN B 4 -31.15 46.45 2.63
N SER B 5 -30.94 46.66 1.34
CA SER B 5 -29.83 47.48 0.86
C SER B 5 -30.18 48.04 -0.51
N GLY B 6 -29.40 49.04 -0.93
CA GLY B 6 -29.54 49.63 -2.25
C GLY B 6 -29.77 51.12 -2.24
N ALA B 7 -28.85 51.87 -2.82
CA ALA B 7 -28.95 53.32 -2.92
C ALA B 7 -28.00 53.80 -4.01
N GLU B 8 -28.19 55.04 -4.43
CA GLU B 8 -27.39 55.61 -5.52
C GLU B 8 -27.57 57.12 -5.56
N VAL B 9 -26.46 57.85 -5.64
CA VAL B 9 -26.48 59.31 -5.80
C VAL B 9 -25.54 59.69 -6.93
N LYS B 10 -26.09 60.30 -7.97
CA LYS B 10 -25.31 60.80 -9.11
C LYS B 10 -26.26 61.57 -10.01
N LYS B 11 -25.69 62.25 -11.02
CA LYS B 11 -26.48 63.03 -11.95
C LYS B 11 -27.15 62.19 -13.05
N PRO B 12 -26.48 61.18 -13.67
CA PRO B 12 -27.07 60.57 -14.86
C PRO B 12 -28.00 59.41 -14.57
N GLY B 13 -28.54 58.81 -15.62
CA GLY B 13 -29.21 57.53 -15.51
C GLY B 13 -30.66 57.61 -15.05
N SER B 14 -31.27 56.43 -14.96
CA SER B 14 -32.64 56.29 -14.48
C SER B 14 -32.67 55.29 -13.32
N SER B 15 -31.74 54.34 -13.34
CA SER B 15 -31.55 53.38 -12.25
C SER B 15 -32.81 52.56 -11.99
N VAL B 16 -33.20 51.78 -13.00
CA VAL B 16 -34.32 50.86 -12.86
C VAL B 16 -33.94 49.74 -11.90
N LYS B 17 -34.87 49.38 -11.01
CA LYS B 17 -34.65 48.37 -9.97
C LYS B 17 -33.48 48.79 -9.06
N VAL B 18 -33.69 49.90 -8.35
CA VAL B 18 -32.61 50.54 -7.60
C VAL B 18 -32.58 50.15 -6.12
N SER B 19 -33.61 49.47 -5.62
CA SER B 19 -33.67 49.11 -4.21
C SER B 19 -34.21 47.70 -4.07
N CYS B 20 -33.36 46.77 -3.64
CA CYS B 20 -33.76 45.39 -3.39
C CYS B 20 -32.62 44.67 -2.69
N ARG B 21 -32.98 43.82 -1.72
CA ARG B 21 -32.03 42.97 -1.02
C ARG B 21 -32.81 41.93 -0.23
N ALA B 22 -32.13 40.83 0.11
CA ALA B 22 -32.76 39.75 0.86
C ALA B 22 -31.67 38.92 1.52
N SER B 23 -32.10 38.08 2.46
CA SER B 23 -31.20 37.19 3.19
C SER B 23 -32.06 36.09 3.83
N GLY B 24 -31.43 35.27 4.66
CA GLY B 24 -32.14 34.24 5.38
C GLY B 24 -31.72 32.83 5.04
N GLY B 25 -31.70 31.95 6.04
CA GLY B 25 -31.37 30.56 5.85
C GLY B 25 -29.86 30.31 5.91
N THR B 26 -29.52 29.03 5.91
CA THR B 26 -28.13 28.54 5.92
C THR B 26 -27.43 29.11 7.16
N PHE B 27 -26.13 29.40 7.04
CA PHE B 27 -25.32 29.90 8.15
C PHE B 27 -24.90 31.33 7.86
N ASP B 28 -24.99 32.19 8.87
CA ASP B 28 -24.77 33.62 8.73
C ASP B 28 -23.32 33.96 9.09
N THR B 29 -22.66 34.69 8.19
CA THR B 29 -21.33 35.23 8.44
C THR B 29 -21.34 36.72 8.16
N TYR B 30 -20.52 37.46 8.90
CA TYR B 30 -20.56 38.91 8.87
C TYR B 30 -20.07 39.45 7.53
N ALA B 31 -20.13 40.78 7.39
CA ALA B 31 -19.70 41.55 6.23
C ALA B 31 -20.63 41.37 5.04
N ILE B 32 -20.78 42.41 4.22
CA ILE B 32 -21.58 42.37 3.01
C ILE B 32 -20.83 43.08 1.89
N SER B 33 -20.18 42.31 1.03
CA SER B 33 -19.41 42.89 -0.07
C SER B 33 -20.33 43.31 -1.21
N TRP B 34 -19.81 44.17 -2.08
CA TRP B 34 -20.55 44.65 -3.24
C TRP B 34 -19.71 44.44 -4.48
N VAL B 35 -20.30 43.84 -5.51
CA VAL B 35 -19.62 43.47 -6.74
C VAL B 35 -20.23 44.26 -7.89
N ARG B 36 -19.38 44.86 -8.73
CA ARG B 36 -19.80 45.60 -9.90
C ARG B 36 -19.41 44.82 -11.15
N GLN B 37 -20.39 44.53 -12.00
CA GLN B 37 -20.17 43.68 -13.17
C GLN B 37 -20.55 44.47 -14.42
N ALA B 38 -19.57 44.69 -15.29
CA ALA B 38 -19.81 45.26 -16.61
C ALA B 38 -20.27 44.17 -17.57
N PRO B 39 -21.00 44.53 -18.62
CA PRO B 39 -21.42 43.52 -19.60
C PRO B 39 -20.22 42.86 -20.27
N GLY B 40 -20.31 41.55 -20.47
CA GLY B 40 -19.25 40.78 -21.07
C GLY B 40 -18.14 40.37 -20.13
N HIS B 41 -18.24 40.69 -18.84
CA HIS B 41 -17.24 40.33 -17.85
C HIS B 41 -17.87 39.40 -16.81
N GLY B 42 -17.02 38.85 -15.94
CA GLY B 42 -17.49 37.96 -14.91
C GLY B 42 -17.82 38.64 -13.61
N LEU B 43 -16.84 39.37 -13.05
CA LEU B 43 -17.03 40.12 -11.81
C LEU B 43 -15.82 41.00 -11.51
N GLU B 44 -16.09 42.26 -11.13
CA GLU B 44 -15.07 43.16 -10.62
C GLU B 44 -15.56 43.75 -9.30
N TRP B 45 -14.63 44.08 -8.42
CA TRP B 45 -14.98 44.56 -7.08
C TRP B 45 -14.80 46.06 -6.94
N MET B 46 -15.85 46.70 -6.42
CA MET B 46 -15.80 48.06 -5.92
C MET B 46 -15.43 48.02 -4.44
N GLY B 47 -15.75 49.09 -3.71
CA GLY B 47 -15.38 49.16 -2.31
C GLY B 47 -16.21 48.27 -1.41
N GLY B 48 -16.04 46.96 -1.54
CA GLY B 48 -16.67 46.00 -0.66
C GLY B 48 -15.63 45.10 0.01
N ILE B 49 -14.39 45.58 0.03
CA ILE B 49 -13.27 44.77 0.51
C ILE B 49 -13.41 44.50 2.00
N ILE B 50 -13.73 45.53 2.78
CA ILE B 50 -13.77 45.39 4.23
C ILE B 50 -15.13 45.84 4.78
N PRO B 51 -16.16 45.02 4.66
CA PRO B 51 -17.44 45.31 5.33
C PRO B 51 -17.45 44.79 6.75
N VAL B 52 -18.28 45.42 7.57
CA VAL B 52 -18.30 45.18 9.01
C VAL B 52 -19.36 44.15 9.40
N SER B 53 -20.52 44.19 8.76
CA SER B 53 -21.62 43.31 9.15
C SER B 53 -22.56 43.18 7.95
N GLY B 54 -23.76 42.66 8.19
CA GLY B 54 -24.75 42.51 7.12
C GLY B 54 -25.12 43.80 6.44
N THR B 55 -24.89 44.95 7.09
CA THR B 55 -25.08 46.25 6.49
C THR B 55 -23.80 46.82 5.91
N ALA B 56 -22.76 45.99 5.75
CA ALA B 56 -21.53 46.35 5.05
C ALA B 56 -20.77 47.48 5.72
N ASN B 57 -19.67 47.90 5.10
CA ASN B 57 -18.87 49.02 5.58
C ASN B 57 -18.06 49.56 4.41
N TYR B 58 -17.51 50.75 4.60
CA TYR B 58 -16.76 51.41 3.54
C TYR B 58 -15.47 50.65 3.22
N ALA B 59 -15.04 50.76 1.97
CA ALA B 59 -13.82 50.11 1.49
C ALA B 59 -13.39 50.77 0.19
N GLN B 60 -12.16 50.48 -0.22
CA GLN B 60 -11.63 51.05 -1.46
C GLN B 60 -10.42 50.23 -1.90
N LYS B 61 -10.53 49.59 -3.07
CA LYS B 61 -9.39 48.87 -3.65
C LYS B 61 -8.66 49.73 -4.68
N PHE B 62 -9.33 50.05 -5.79
CA PHE B 62 -8.79 50.93 -6.83
C PHE B 62 -9.83 51.94 -7.29
N GLN B 63 -10.77 52.31 -6.41
CA GLN B 63 -11.87 53.16 -6.83
C GLN B 63 -12.42 53.90 -5.61
N GLY B 64 -13.19 54.96 -5.90
CA GLY B 64 -13.79 55.76 -4.85
C GLY B 64 -15.30 55.60 -4.75
N ARG B 65 -15.76 55.03 -3.64
CA ARG B 65 -17.19 54.86 -3.38
C ARG B 65 -17.44 55.14 -1.90
N VAL B 66 -18.62 54.78 -1.42
CA VAL B 66 -19.00 55.04 -0.04
C VAL B 66 -19.97 53.97 0.43
N THR B 67 -19.94 53.69 1.73
CA THR B 67 -20.87 52.77 2.36
C THR B 67 -21.19 53.28 3.76
N ILE B 68 -22.39 52.97 4.24
CA ILE B 68 -22.86 53.46 5.53
C ILE B 68 -23.55 52.33 6.29
N THR B 69 -23.62 52.51 7.62
CA THR B 69 -24.34 51.63 8.55
C THR B 69 -23.67 50.26 8.65
N ALA B 70 -23.77 49.62 9.82
CA ALA B 70 -23.16 48.32 10.02
C ALA B 70 -23.98 47.55 11.05
N ASP B 71 -24.70 46.52 10.60
CA ASP B 71 -25.50 45.69 11.49
C ASP B 71 -25.68 44.33 10.84
N GLU B 72 -25.45 43.27 11.61
CA GLU B 72 -25.49 41.91 11.08
C GLU B 72 -26.84 41.24 11.23
N SER B 73 -27.86 41.95 11.72
CA SER B 73 -29.19 41.38 11.90
C SER B 73 -30.20 41.97 10.92
N THR B 74 -30.38 43.29 10.92
CA THR B 74 -31.23 43.95 9.94
C THR B 74 -30.45 44.92 9.06
N GLY B 75 -29.88 45.97 9.65
CA GLY B 75 -29.00 46.89 8.95
C GLY B 75 -29.58 47.58 7.73
N THR B 76 -28.76 48.43 7.10
CA THR B 76 -29.10 49.00 5.80
C THR B 76 -27.77 49.38 5.13
N ALA B 77 -27.31 48.52 4.21
CA ALA B 77 -25.98 48.71 3.64
C ALA B 77 -25.92 49.96 2.77
N TYR B 78 -26.85 50.10 1.84
CA TYR B 78 -26.92 51.24 0.93
C TYR B 78 -25.63 51.38 0.12
N MET B 79 -25.52 52.47 -0.65
CA MET B 79 -24.33 52.76 -1.44
C MET B 79 -24.45 54.20 -1.94
N ASP B 80 -23.34 54.73 -2.46
CA ASP B 80 -23.31 56.09 -2.95
C ASP B 80 -22.21 56.17 -4.02
N LEU B 81 -22.63 56.17 -5.29
CA LEU B 81 -21.67 56.37 -6.37
C LEU B 81 -21.07 57.77 -6.30
N SER B 82 -19.78 57.87 -6.61
CA SER B 82 -19.05 59.14 -6.49
C SER B 82 -19.27 59.97 -7.75
N SER B 83 -20.51 60.46 -7.89
CA SER B 83 -20.90 61.34 -8.99
C SER B 83 -20.59 60.69 -10.34
N LEU B 84 -21.30 59.59 -10.60
CA LEU B 84 -21.07 58.73 -11.75
C LEU B 84 -20.83 59.53 -13.03
N ARG B 85 -19.82 59.12 -13.78
CA ARG B 85 -19.35 59.80 -14.98
C ARG B 85 -19.54 58.89 -16.19
N SER B 86 -18.90 59.27 -17.30
CA SER B 86 -18.96 58.47 -18.52
C SER B 86 -18.51 57.04 -18.23
N GLU B 87 -19.23 56.08 -18.83
CA GLU B 87 -19.05 54.66 -18.58
C GLU B 87 -19.30 54.33 -17.11
N ASP B 88 -18.79 53.19 -16.64
CA ASP B 88 -18.97 52.73 -15.26
C ASP B 88 -20.43 52.59 -14.89
N THR B 89 -21.32 52.50 -15.87
CA THR B 89 -22.76 52.35 -15.64
C THR B 89 -23.14 50.92 -16.00
N ALA B 90 -23.22 50.06 -14.98
CA ALA B 90 -23.51 48.65 -15.19
C ALA B 90 -24.14 48.10 -13.92
N VAL B 91 -24.72 46.90 -14.05
CA VAL B 91 -25.41 46.27 -12.93
C VAL B 91 -24.42 45.96 -11.82
N TYR B 92 -24.79 46.30 -10.59
CA TYR B 92 -23.97 46.04 -9.42
C TYR B 92 -24.79 45.24 -8.42
N TYR B 93 -24.28 44.07 -8.04
CA TYR B 93 -24.96 43.19 -7.12
C TYR B 93 -24.44 43.40 -5.71
N CYS B 94 -24.89 42.55 -4.78
CA CYS B 94 -24.41 42.57 -3.42
C CYS B 94 -24.50 41.16 -2.86
N ALA B 95 -23.67 40.88 -1.86
CA ALA B 95 -23.61 39.56 -1.24
C ALA B 95 -23.65 39.72 0.27
N ARG B 96 -24.22 38.71 0.94
CA ARG B 96 -24.26 38.69 2.38
C ARG B 96 -22.98 38.12 2.99
N VAL B 97 -22.06 37.65 2.16
CA VAL B 97 -20.80 37.02 2.56
C VAL B 97 -21.07 36.06 3.72
N PRO B 98 -22.08 35.19 3.59
CA PRO B 98 -22.39 34.24 4.67
C PRO B 98 -21.65 32.91 4.58
N ASP B 99 -20.62 32.81 3.74
CA ASP B 99 -19.87 31.58 3.56
C ASP B 99 -20.80 30.42 3.21
N TYR B 100 -21.16 29.63 4.22
CA TYR B 100 -22.08 28.52 4.02
C TYR B 100 -23.45 29.04 3.59
N GLY B 101 -23.86 28.75 2.37
CA GLY B 101 -25.12 29.25 1.84
C GLY B 101 -25.18 30.75 1.71
N THR B 102 -24.13 31.33 1.13
CA THR B 102 -24.08 32.77 0.92
C THR B 102 -25.23 33.22 0.01
N ASN B 103 -25.82 34.36 0.34
CA ASN B 103 -26.92 34.92 -0.42
C ASN B 103 -26.42 36.03 -1.34
N THR B 104 -26.99 36.10 -2.53
CA THR B 104 -26.60 37.11 -3.52
C THR B 104 -27.82 37.59 -4.28
N PRO B 105 -28.25 38.83 -4.07
CA PRO B 105 -29.43 39.35 -4.77
C PRO B 105 -29.07 40.08 -6.05
N PHE B 106 -30.11 40.43 -6.80
CA PHE B 106 -29.98 41.20 -8.04
C PHE B 106 -30.53 42.61 -7.82
N ASP B 107 -29.74 43.61 -8.20
CA ASP B 107 -30.15 45.00 -7.99
C ASP B 107 -29.37 45.89 -8.94
N TYR B 108 -29.84 47.13 -9.06
CA TYR B 108 -29.18 48.21 -9.78
C TYR B 108 -29.13 47.99 -11.28
N TRP B 109 -28.90 49.07 -12.02
CA TRP B 109 -28.82 49.06 -13.48
C TRP B 109 -28.27 50.41 -13.91
N GLY B 110 -28.20 50.62 -15.23
CA GLY B 110 -27.67 51.85 -15.79
C GLY B 110 -28.68 52.54 -16.71
N GLN B 111 -28.22 53.63 -17.30
CA GLN B 111 -29.02 54.43 -18.22
C GLN B 111 -30.34 54.88 -17.58
N ASP C 1 -1.66 37.76 -9.11
CA ASP C 1 -0.75 36.62 -9.09
C ASP C 1 -1.51 35.35 -9.47
N ILE C 2 -2.25 34.79 -8.50
CA ILE C 2 -3.01 33.58 -8.75
C ILE C 2 -4.16 33.89 -9.69
N ARG C 3 -4.31 33.06 -10.73
CA ARG C 3 -5.36 33.23 -11.73
C ARG C 3 -6.12 31.93 -11.89
N LEU C 4 -7.37 32.05 -12.35
CA LEU C 4 -8.23 30.92 -12.62
C LEU C 4 -8.59 30.91 -14.10
N THR C 5 -8.43 29.75 -14.74
CA THR C 5 -8.73 29.59 -16.16
C THR C 5 -9.60 28.36 -16.35
N GLN C 6 -10.67 28.52 -17.11
CA GLN C 6 -11.61 27.43 -17.40
C GLN C 6 -11.57 27.07 -18.88
N SER C 7 -12.03 25.87 -19.19
CA SER C 7 -12.05 25.38 -20.56
C SER C 7 -13.37 25.74 -21.22
N PRO C 8 -13.36 26.48 -22.33
CA PRO C 8 -14.62 26.81 -23.00
C PRO C 8 -15.34 25.56 -23.49
N SER C 9 -16.66 25.59 -23.38
CA SER C 9 -17.50 24.46 -23.79
C SER C 9 -18.56 24.96 -24.76
N SER C 10 -18.70 24.27 -25.89
CA SER C 10 -19.69 24.61 -26.89
C SER C 10 -20.74 23.53 -27.13
N LEU C 11 -20.45 22.28 -26.76
CA LEU C 11 -21.40 21.20 -26.97
C LEU C 11 -22.62 21.39 -26.08
N PRO C 12 -23.82 21.09 -26.57
CA PRO C 12 -25.02 21.24 -25.73
C PRO C 12 -25.11 20.23 -24.60
N ALA C 13 -24.19 19.26 -24.53
CA ALA C 13 -24.17 18.24 -23.49
C ALA C 13 -25.45 17.41 -23.47
N SER C 14 -26.08 17.24 -24.63
CA SER C 14 -27.29 16.42 -24.80
C SER C 14 -28.36 16.94 -23.84
N VAL C 15 -29.12 16.06 -23.18
CA VAL C 15 -30.15 16.48 -22.23
C VAL C 15 -29.87 15.85 -20.87
N GLY C 16 -29.85 14.52 -20.82
CA GLY C 16 -29.60 13.84 -19.57
C GLY C 16 -28.22 13.24 -19.46
N ASP C 17 -27.33 13.92 -18.72
CA ASP C 17 -25.98 13.44 -18.48
C ASP C 17 -25.35 14.33 -17.41
N ARG C 18 -24.09 14.07 -17.10
CA ARG C 18 -23.32 14.87 -16.16
C ARG C 18 -22.34 15.78 -16.90
N VAL C 19 -21.83 16.78 -16.18
CA VAL C 19 -20.86 17.71 -16.73
C VAL C 19 -19.69 17.82 -15.76
N THR C 20 -18.54 18.21 -16.31
CA THR C 20 -17.33 18.37 -15.51
C THR C 20 -16.45 19.42 -16.19
N ILE C 21 -16.27 20.55 -15.52
CA ILE C 21 -15.52 21.68 -16.05
C ILE C 21 -14.33 21.94 -15.13
N THR C 22 -13.15 22.08 -15.72
CA THR C 22 -11.92 22.30 -14.97
C THR C 22 -11.60 23.80 -14.93
N CYS C 23 -11.37 24.28 -13.70
CA CYS C 23 -10.95 25.68 -13.48
C CYS C 23 -9.61 25.56 -12.77
N ARG C 24 -8.53 25.97 -13.41
CA ARG C 24 -7.23 25.95 -12.76
C ARG C 24 -6.23 26.72 -13.61
N ALA C 25 -5.27 27.35 -12.94
CA ALA C 25 -4.18 28.06 -13.58
C ALA C 25 -3.13 28.40 -12.53
N SER C 26 -1.86 28.34 -12.92
CA SER C 26 -0.72 28.61 -12.04
C SER C 26 -0.79 27.61 -10.87
N GLN C 27 -0.40 28.02 -9.66
CA GLN C 27 -0.44 27.13 -8.50
C GLN C 27 -0.96 27.91 -7.31
N ASP C 28 -2.18 27.60 -6.87
CA ASP C 28 -2.74 28.23 -5.69
C ASP C 28 -1.98 27.79 -4.44
N ILE C 29 -1.93 28.68 -3.45
CA ILE C 29 -1.17 28.44 -2.22
C ILE C 29 -2.05 28.52 -0.98
N ALA C 30 -2.85 29.58 -0.86
CA ALA C 30 -3.67 29.78 0.33
C ALA C 30 -5.03 30.36 -0.02
N THR C 31 -5.60 29.94 -1.14
CA THR C 31 -6.88 30.48 -1.59
C THR C 31 -7.83 29.34 -1.92
N TYR C 32 -9.04 29.40 -1.35
CA TYR C 32 -10.06 28.41 -1.63
C TYR C 32 -10.81 28.75 -2.91
N LEU C 33 -11.65 27.82 -3.36
CA LEU C 33 -12.41 27.97 -4.59
C LEU C 33 -13.90 27.90 -4.30
N ALA C 34 -14.67 28.75 -4.97
CA ALA C 34 -16.12 28.79 -4.84
C ALA C 34 -16.75 28.82 -6.22
N TRP C 35 -17.96 28.30 -6.31
CA TRP C 35 -18.68 28.16 -7.57
C TRP C 35 -19.94 29.03 -7.56
N TYR C 36 -20.14 29.79 -8.63
CA TYR C 36 -21.31 30.65 -8.78
C TYR C 36 -21.97 30.36 -10.12
N GLN C 37 -23.29 30.18 -10.10
CA GLN C 37 -24.07 29.91 -11.31
C GLN C 37 -25.13 30.99 -11.46
N GLN C 38 -25.27 31.53 -12.67
CA GLN C 38 -26.26 32.56 -12.95
C GLN C 38 -26.93 32.27 -14.29
N LYS C 39 -28.26 32.20 -14.27
CA LYS C 39 -29.01 32.12 -15.51
C LYS C 39 -28.92 33.47 -16.23
N PRO C 40 -29.08 33.48 -17.56
CA PRO C 40 -29.01 34.76 -18.29
C PRO C 40 -30.06 35.75 -17.82
N GLY C 41 -29.60 36.83 -17.20
CA GLY C 41 -30.49 37.83 -16.65
C GLY C 41 -31.00 37.49 -15.26
N ARG C 42 -30.09 37.11 -14.37
CA ARG C 42 -30.48 36.75 -13.00
C ARG C 42 -29.27 36.90 -12.09
N ALA C 43 -29.53 36.94 -10.79
CA ALA C 43 -28.46 37.05 -9.82
C ALA C 43 -27.73 35.72 -9.69
N PRO C 44 -26.40 35.72 -9.64
CA PRO C 44 -25.67 34.46 -9.43
C PRO C 44 -26.00 33.85 -8.07
N ASN C 45 -26.00 32.52 -8.03
CA ASN C 45 -26.25 31.77 -6.81
C ASN C 45 -25.01 30.99 -6.42
N LEU C 46 -24.76 30.90 -5.12
CA LEU C 46 -23.56 30.24 -4.62
C LEU C 46 -23.73 28.73 -4.68
N LEU C 47 -22.86 28.07 -5.43
CA LEU C 47 -22.82 26.61 -5.46
C LEU C 47 -21.82 26.12 -4.41
N ILE C 48 -21.49 24.83 -4.46
CA ILE C 48 -20.56 24.26 -3.48
C ILE C 48 -19.18 24.89 -3.67
N TYR C 49 -18.48 25.05 -2.56
CA TYR C 49 -17.16 25.69 -2.54
C TYR C 49 -16.13 24.69 -2.04
N ALA C 50 -15.00 24.60 -2.74
CA ALA C 50 -13.94 23.66 -2.41
C ALA C 50 -12.70 24.44 -1.96
N THR C 51 -12.17 24.06 -0.79
CA THR C 51 -10.95 24.65 -0.25
C THR C 51 -9.72 23.82 -0.58
N SER C 52 -9.77 23.02 -1.65
CA SER C 52 -8.74 22.08 -2.09
C SER C 52 -8.60 20.89 -1.15
N THR C 53 -9.29 20.88 -0.01
CA THR C 53 -9.27 19.74 0.89
C THR C 53 -10.64 19.40 1.46
N LEU C 54 -11.69 20.12 1.07
CA LEU C 54 -13.04 19.93 1.60
C LEU C 54 -14.01 20.72 0.73
N GLN C 55 -15.24 20.21 0.64
CA GLN C 55 -16.29 20.83 -0.15
C GLN C 55 -17.38 21.37 0.75
N SER C 56 -17.95 22.51 0.37
CA SER C 56 -19.04 23.13 1.13
C SER C 56 -20.34 22.39 0.85
N GLY C 57 -21.44 22.89 1.41
CA GLY C 57 -22.72 22.25 1.26
C GLY C 57 -23.85 23.19 0.87
N VAL C 58 -24.49 22.90 -0.25
CA VAL C 58 -25.61 23.70 -0.76
C VAL C 58 -26.75 22.73 -1.04
N PRO C 59 -28.02 23.13 -0.84
CA PRO C 59 -29.14 22.20 -1.05
C PRO C 59 -29.17 21.63 -2.47
N PRO C 60 -28.84 22.41 -3.51
CA PRO C 60 -28.68 21.79 -4.83
C PRO C 60 -27.60 20.71 -4.83
N ARG C 61 -27.90 19.61 -5.52
CA ARG C 61 -26.98 18.44 -5.57
C ARG C 61 -25.93 18.64 -6.67
N PHE C 62 -24.98 19.53 -6.44
CA PHE C 62 -23.88 19.82 -7.35
C PHE C 62 -22.58 19.47 -6.64
N SER C 63 -22.13 18.23 -6.81
CA SER C 63 -20.92 17.76 -6.15
C SER C 63 -19.70 18.25 -6.93
N GLY C 64 -18.96 19.19 -6.35
CA GLY C 64 -17.77 19.72 -6.99
C GLY C 64 -16.54 19.61 -6.11
N SER C 65 -15.55 18.83 -6.54
CA SER C 65 -14.35 18.58 -5.77
C SER C 65 -13.13 18.94 -6.59
N ARG C 66 -12.09 19.41 -5.91
CA ARG C 66 -10.85 19.82 -6.55
C ARG C 66 -9.79 18.74 -6.37
N SER C 67 -8.63 18.96 -6.99
CA SER C 67 -7.50 18.05 -6.92
C SER C 67 -6.27 18.82 -6.46
N GLY C 68 -5.11 18.16 -6.51
CA GLY C 68 -3.87 18.79 -6.08
C GLY C 68 -3.46 19.97 -6.93
N THR C 69 -3.94 20.06 -8.16
CA THR C 69 -3.62 21.17 -9.04
C THR C 69 -4.83 21.77 -9.74
N ASP C 70 -5.93 21.05 -9.89
CA ASP C 70 -7.09 21.50 -10.63
C ASP C 70 -8.35 21.35 -9.78
N PHE C 71 -9.46 21.85 -10.32
CA PHE C 71 -10.76 21.78 -9.66
C PHE C 71 -11.79 21.25 -10.65
N THR C 72 -12.78 20.54 -10.14
CA THR C 72 -13.83 19.94 -10.95
C THR C 72 -15.18 20.11 -10.26
N LEU C 73 -16.23 20.13 -11.06
CA LEU C 73 -17.59 20.28 -10.55
C LEU C 73 -18.53 19.42 -11.38
N THR C 74 -19.41 18.70 -10.70
CA THR C 74 -20.37 17.80 -11.34
C THR C 74 -21.78 18.16 -10.94
N ILE C 75 -22.70 18.10 -11.92
CA ILE C 75 -24.10 18.39 -11.66
C ILE C 75 -24.98 17.14 -11.82
N SER C 76 -24.58 16.19 -12.66
CA SER C 76 -25.34 14.97 -12.94
C SER C 76 -26.70 15.27 -13.57
N SER C 77 -26.86 16.46 -14.15
CA SER C 77 -28.11 16.84 -14.81
C SER C 77 -27.82 18.02 -15.73
N LEU C 78 -28.09 17.86 -17.02
CA LEU C 78 -27.81 18.92 -18.00
C LEU C 78 -29.08 19.30 -18.75
N GLN C 79 -30.18 19.48 -18.03
CA GLN C 79 -31.43 19.86 -18.66
C GLN C 79 -31.33 21.28 -19.21
N PRO C 80 -32.11 21.61 -20.25
CA PRO C 80 -32.10 22.99 -20.76
C PRO C 80 -32.53 24.02 -19.74
N GLU C 81 -33.27 23.62 -18.71
CA GLU C 81 -33.63 24.54 -17.63
C GLU C 81 -32.42 24.96 -16.80
N ASP C 82 -31.29 24.25 -16.94
CA ASP C 82 -30.06 24.57 -16.22
C ASP C 82 -28.97 25.06 -17.18
N PHE C 83 -29.37 25.74 -18.26
CA PHE C 83 -28.42 26.29 -19.23
C PHE C 83 -27.98 27.66 -18.72
N ALA C 84 -27.02 27.65 -17.82
CA ALA C 84 -26.55 28.86 -17.15
C ALA C 84 -25.02 28.91 -17.16
N THR C 85 -24.48 30.12 -17.11
CA THR C 85 -23.05 30.33 -17.08
C THR C 85 -22.52 30.11 -15.67
N TYR C 86 -21.61 29.15 -15.52
CA TYR C 86 -21.02 28.86 -14.22
C TYR C 86 -19.73 29.65 -14.05
N TYR C 87 -19.40 29.95 -12.80
CA TYR C 87 -18.23 30.74 -12.46
C TYR C 87 -17.46 30.07 -11.33
N CYS C 88 -16.14 30.07 -11.46
CA CYS C 88 -15.28 29.59 -10.35
C CYS C 88 -14.64 30.84 -9.76
N GLN C 89 -14.50 30.93 -8.44
CA GLN C 89 -14.06 32.12 -7.73
C GLN C 89 -12.89 31.80 -6.82
N GLN C 90 -12.00 32.78 -6.65
CA GLN C 90 -10.86 32.67 -5.76
C GLN C 90 -11.14 33.51 -4.51
N LEU C 91 -11.01 32.87 -3.35
CA LEU C 91 -11.30 33.53 -2.08
C LEU C 91 -10.55 32.80 -0.97
N ARG C 92 -10.14 33.55 0.05
CA ARG C 92 -9.47 32.90 1.18
C ARG C 92 -10.52 32.23 2.07
N THR C 93 -11.36 33.01 2.73
CA THR C 93 -12.59 32.46 3.28
C THR C 93 -13.82 33.23 2.81
N TYR C 94 -13.86 34.52 3.12
CA TYR C 94 -14.98 35.42 2.84
C TYR C 94 -14.95 36.05 1.45
N PRO C 95 -13.87 36.78 1.09
CA PRO C 95 -13.94 37.71 -0.05
C PRO C 95 -13.62 37.10 -1.41
N ILE C 96 -14.61 36.53 -2.10
CA ILE C 96 -14.43 36.13 -3.49
C ILE C 96 -13.76 37.27 -4.26
N THR C 97 -12.67 36.96 -4.95
CA THR C 97 -11.83 37.99 -5.56
C THR C 97 -11.68 37.85 -7.06
N PHE C 98 -11.43 36.65 -7.58
CA PHE C 98 -11.10 36.45 -8.98
C PHE C 98 -11.98 35.38 -9.59
N GLY C 99 -12.48 35.64 -10.80
CA GLY C 99 -13.33 34.68 -11.48
C GLY C 99 -13.05 34.68 -12.97
N GLN C 100 -13.43 33.56 -13.60
CA GLN C 100 -13.28 33.38 -15.05
C GLN C 100 -14.57 32.84 -15.64
N GLY C 101 -14.84 33.23 -16.89
CA GLY C 101 -16.08 32.86 -17.54
C GLY C 101 -16.10 31.42 -18.03
N THR C 102 -17.28 31.01 -18.49
CA THR C 102 -17.50 29.66 -19.00
C THR C 102 -18.74 29.69 -19.91
N ARG C 103 -19.21 28.51 -20.28
CA ARG C 103 -20.41 28.38 -21.12
C ARG C 103 -20.93 26.96 -20.97
N LEU C 104 -22.20 26.83 -20.59
CA LEU C 104 -22.81 25.53 -20.29
C LEU C 104 -24.18 25.43 -20.94
N GLU C 105 -24.26 25.77 -22.22
CA GLU C 105 -25.51 25.65 -22.95
C GLU C 105 -26.00 24.21 -22.95
N ILE C 106 -27.29 24.04 -22.68
CA ILE C 106 -27.90 22.71 -22.54
C ILE C 106 -29.13 22.65 -23.44
N LYS C 107 -29.24 21.58 -24.22
CA LYS C 107 -30.38 21.38 -25.10
C LYS C 107 -30.61 19.89 -25.37
N LEU D 1 -33.54 -5.57 23.68
CA LEU D 1 -33.82 -6.62 24.65
C LEU D 1 -35.31 -6.88 24.78
N SER D 2 -36.10 -6.14 23.99
CA SER D 2 -37.55 -6.26 23.98
C SER D 2 -38.00 -6.72 22.59
N GLU D 3 -39.32 -6.75 22.39
CA GLU D 3 -39.90 -7.19 21.13
C GLU D 3 -40.53 -6.00 20.42
N VAL D 4 -40.20 -5.83 19.14
CA VAL D 4 -40.71 -4.73 18.32
C VAL D 4 -41.67 -5.30 17.30
N LYS D 5 -42.84 -4.67 17.18
CA LYS D 5 -43.86 -5.06 16.20
C LYS D 5 -43.68 -4.15 14.99
N LEU D 6 -42.92 -4.64 14.01
CA LEU D 6 -42.61 -3.84 12.83
C LEU D 6 -43.82 -3.74 11.92
N HIS D 7 -44.18 -2.52 11.52
CA HIS D 7 -45.31 -2.26 10.66
C HIS D 7 -44.83 -1.63 9.36
N LEU D 8 -45.26 -2.18 8.23
CA LEU D 8 -44.90 -1.62 6.93
C LEU D 8 -45.88 -2.11 5.89
N ASP D 9 -46.06 -1.30 4.84
CA ASP D 9 -46.93 -1.65 3.73
C ASP D 9 -46.67 -0.73 2.53
N SER D 15 -46.51 -5.93 5.79
CA SER D 15 -47.63 -6.22 6.69
C SER D 15 -47.23 -6.00 8.14
N HIS D 16 -47.16 -7.09 8.91
CA HIS D 16 -46.82 -7.03 10.32
C HIS D 16 -45.75 -8.07 10.61
N TYR D 17 -44.72 -7.67 11.35
CA TYR D 17 -43.64 -8.58 11.74
C TYR D 17 -43.26 -8.32 13.19
N THR D 18 -42.82 -9.39 13.86
CA THR D 18 -42.36 -9.32 15.24
C THR D 18 -40.97 -9.93 15.32
N ILE D 19 -40.04 -9.22 15.96
CA ILE D 19 -38.66 -9.67 16.10
C ILE D 19 -38.45 -10.02 17.58
N PRO D 20 -38.34 -11.30 17.94
CA PRO D 20 -38.15 -11.70 19.34
C PRO D 20 -36.69 -11.65 19.80
N TRP D 21 -36.24 -10.45 20.18
CA TRP D 21 -34.89 -10.28 20.68
C TRP D 21 -34.62 -11.04 21.98
N THR D 22 -35.67 -11.39 22.72
CA THR D 22 -35.49 -12.12 23.97
C THR D 22 -34.97 -13.54 23.74
N GLU D 23 -35.25 -14.13 22.58
CA GLU D 23 -34.78 -15.47 22.25
C GLU D 23 -33.69 -15.48 21.18
N LEU D 24 -33.61 -14.43 20.36
CA LEU D 24 -32.57 -14.36 19.33
C LEU D 24 -31.18 -14.21 19.93
N MET D 25 -31.07 -13.71 21.16
CA MET D 25 -29.76 -13.56 21.79
C MET D 25 -29.09 -14.91 22.00
N ALA D 26 -29.85 -15.89 22.50
CA ALA D 26 -29.28 -17.20 22.79
C ALA D 26 -28.84 -17.92 21.52
N LYS D 27 -29.64 -17.84 20.46
CA LYS D 27 -29.32 -18.58 19.23
C LYS D 27 -28.04 -18.07 18.59
N VAL D 28 -27.83 -16.77 18.59
CA VAL D 28 -26.67 -16.14 17.97
C VAL D 28 -25.84 -15.48 19.07
N PRO D 29 -24.80 -16.16 19.56
CA PRO D 29 -23.95 -15.54 20.57
C PRO D 29 -23.14 -14.39 20.00
N GLY D 30 -22.85 -13.42 20.87
CA GLY D 30 -22.00 -12.29 20.50
C GLY D 30 -22.71 -11.13 19.85
N LEU D 31 -24.00 -11.24 19.56
CA LEU D 31 -24.73 -10.14 18.93
C LEU D 31 -24.97 -9.03 19.95
N SER D 32 -24.91 -7.79 19.47
CA SER D 32 -25.10 -6.60 20.31
C SER D 32 -26.10 -5.67 19.64
N PRO D 33 -27.40 -5.99 19.73
CA PRO D 33 -28.41 -5.10 19.13
C PRO D 33 -28.41 -3.70 19.70
N GLU D 34 -28.11 -3.55 21.00
CA GLU D 34 -28.15 -2.23 21.63
C GLU D 34 -27.08 -1.32 21.07
N ALA D 35 -25.86 -1.82 20.91
CA ALA D 35 -24.77 -0.99 20.41
C ALA D 35 -24.98 -0.59 18.95
N LEU D 36 -25.53 -1.50 18.15
CA LEU D 36 -25.70 -1.22 16.72
C LEU D 36 -26.69 -0.08 16.51
N TRP D 37 -27.75 -0.01 17.32
CA TRP D 37 -28.68 1.10 17.23
C TRP D 37 -28.02 2.42 17.57
N ARG D 38 -27.20 2.44 18.63
CA ARG D 38 -26.49 3.66 18.99
C ARG D 38 -25.49 4.06 17.92
N GLU D 39 -24.99 3.07 17.16
CA GLU D 39 -24.14 3.38 16.01
C GLU D 39 -24.96 3.90 14.83
N ALA D 40 -26.19 3.41 14.68
CA ALA D 40 -27.04 3.77 13.55
C ALA D 40 -27.48 5.23 13.62
N ASN D 41 -27.80 5.72 14.82
CA ASN D 41 -28.25 7.11 15.03
C ASN D 41 -29.45 7.45 14.13
N VAL D 42 -30.49 6.64 14.32
CA VAL D 42 -31.72 6.71 13.54
C VAL D 42 -32.34 8.10 13.58
N THR D 43 -31.97 8.91 14.58
CA THR D 43 -32.44 10.30 14.66
C THR D 43 -31.36 11.22 14.09
N GLU D 44 -31.31 11.31 12.77
CA GLU D 44 -30.37 12.17 12.06
C GLU D 44 -31.12 12.96 10.99
N ASP D 45 -30.78 14.23 10.87
CA ASP D 45 -31.38 15.06 9.83
C ASP D 45 -30.88 14.62 8.46
N LEU D 46 -31.78 14.69 7.46
CA LEU D 46 -31.43 14.21 6.12
C LEU D 46 -30.30 15.02 5.52
N ALA D 47 -30.15 16.28 5.91
CA ALA D 47 -29.01 17.07 5.47
C ALA D 47 -27.70 16.44 5.93
N SER D 48 -27.70 15.88 7.15
CA SER D 48 -26.51 15.17 7.62
C SER D 48 -26.25 13.91 6.79
N MET D 49 -27.32 13.20 6.40
CA MET D 49 -27.15 12.06 5.51
C MET D 49 -26.50 12.48 4.20
N LEU D 50 -26.99 13.57 3.59
CA LEU D 50 -26.44 13.99 2.31
C LEU D 50 -25.02 14.51 2.46
N ASN D 51 -24.68 15.11 3.61
CA ASN D 51 -23.31 15.54 3.84
C ASN D 51 -22.37 14.36 3.99
N ARG D 52 -22.74 13.38 4.81
CA ARG D 52 -21.88 12.21 5.03
C ARG D 52 -21.75 11.37 3.77
N TYR D 53 -22.85 11.17 3.06
CA TYR D 53 -22.85 10.32 1.86
C TYR D 53 -22.00 10.91 0.74
N LYS D 54 -21.95 12.24 0.66
CA LYS D 54 -21.15 12.88 -0.39
C LYS D 54 -19.66 12.87 -0.09
N LEU D 55 -19.27 12.56 1.15
CA LEU D 55 -17.86 12.55 1.50
C LEU D 55 -17.13 11.40 0.82
N ILE D 56 -17.75 10.22 0.75
CA ILE D 56 -17.09 9.04 0.25
C ILE D 56 -16.96 9.11 -1.27
N TYR D 57 -15.79 8.72 -1.77
CA TYR D 57 -15.56 8.69 -3.21
C TYR D 57 -16.33 7.55 -3.84
N LYS D 58 -17.00 7.84 -4.95
CA LYS D 58 -17.81 6.87 -5.68
C LYS D 58 -17.24 6.69 -7.07
N THR D 59 -17.09 5.43 -7.48
CA THR D 59 -16.53 5.08 -8.79
C THR D 59 -17.57 4.34 -9.60
N SER D 60 -17.76 4.76 -10.84
CA SER D 60 -18.69 4.12 -11.77
C SER D 60 -17.92 3.40 -12.86
N GLY D 61 -18.66 2.64 -13.67
CA GLY D 61 -18.05 1.90 -14.76
C GLY D 61 -17.51 0.55 -14.35
N THR D 62 -18.38 -0.30 -13.80
CA THR D 62 -17.98 -1.64 -13.38
C THR D 62 -17.77 -2.53 -14.60
N LEU D 63 -16.58 -2.49 -15.17
CA LEU D 63 -16.24 -3.27 -16.36
C LEU D 63 -15.25 -4.37 -16.00
N GLY D 64 -14.89 -5.17 -16.99
CA GLY D 64 -14.03 -6.31 -16.76
C GLY D 64 -14.81 -7.52 -16.31
N ILE D 65 -15.91 -7.81 -17.00
CA ILE D 65 -16.84 -8.83 -16.60
C ILE D 65 -16.60 -10.08 -17.43
N ALA D 66 -17.22 -11.19 -17.03
CA ALA D 66 -17.14 -12.47 -17.73
C ALA D 66 -15.71 -13.00 -17.77
N LEU D 67 -15.17 -13.24 -16.57
CA LEU D 67 -13.87 -13.88 -16.41
C LEU D 67 -14.04 -15.40 -16.34
N ALA D 68 -12.92 -16.10 -16.36
CA ALA D 68 -12.91 -17.56 -16.33
C ALA D 68 -12.50 -18.05 -14.95
N GLU D 69 -13.28 -18.98 -14.40
CA GLU D 69 -13.00 -19.53 -13.08
C GLU D 69 -12.38 -20.91 -13.22
N PRO D 70 -11.11 -21.10 -12.85
CA PRO D 70 -10.50 -22.42 -12.98
C PRO D 70 -10.91 -23.34 -11.85
N VAL D 71 -10.50 -24.61 -11.99
CA VAL D 71 -10.68 -25.61 -10.94
C VAL D 71 -9.35 -25.79 -10.22
N ASP D 72 -9.39 -25.76 -8.89
CA ASP D 72 -8.19 -25.82 -8.08
C ASP D 72 -8.11 -27.09 -7.24
N ILE D 73 -9.14 -27.37 -6.44
CA ILE D 73 -9.12 -28.52 -5.53
C ILE D 73 -9.41 -29.78 -6.33
N PRO D 74 -8.51 -30.76 -6.36
CA PRO D 74 -8.82 -32.01 -7.04
C PRO D 74 -9.84 -32.83 -6.27
N ALA D 75 -10.59 -33.65 -7.00
CA ALA D 75 -11.56 -34.53 -6.37
C ALA D 75 -10.87 -35.65 -5.62
N VAL D 76 -11.60 -36.24 -4.67
CA VAL D 76 -11.05 -37.36 -3.91
C VAL D 76 -10.83 -38.54 -4.84
N SER D 77 -9.65 -39.15 -4.74
CA SER D 77 -9.25 -40.21 -5.66
C SER D 77 -8.79 -41.44 -4.89
N GLU D 78 -8.97 -42.59 -5.51
CA GLU D 78 -8.55 -43.90 -4.98
C GLU D 78 -9.28 -44.12 -3.65
N GLY D 79 -8.61 -44.70 -2.65
CA GLY D 79 -9.25 -44.97 -1.37
C GLY D 79 -8.61 -44.22 -0.22
N SER D 80 -8.26 -42.95 -0.46
CA SER D 80 -7.66 -42.14 0.59
C SER D 80 -8.65 -41.95 1.75
N MET D 81 -8.15 -42.12 2.97
CA MET D 81 -8.97 -42.01 4.16
C MET D 81 -9.10 -40.54 4.56
N GLN D 82 -9.65 -40.29 5.74
CA GLN D 82 -9.84 -38.94 6.25
C GLN D 82 -8.92 -38.73 7.45
N VAL D 83 -8.13 -37.66 7.41
CA VAL D 83 -7.20 -37.31 8.47
C VAL D 83 -7.71 -36.03 9.13
N ASP D 84 -8.07 -36.13 10.40
CA ASP D 84 -8.53 -34.96 11.14
C ASP D 84 -7.35 -34.03 11.40
N ALA D 85 -7.56 -32.73 11.16
CA ALA D 85 -6.48 -31.76 11.30
C ALA D 85 -6.05 -31.54 12.74
N SER D 86 -6.86 -31.99 13.72
CA SER D 86 -6.53 -31.82 15.13
C SER D 86 -6.40 -33.15 15.86
N LYS D 87 -6.33 -34.26 15.13
CA LYS D 87 -6.23 -35.60 15.72
C LYS D 87 -5.16 -36.40 15.01
N VAL D 88 -4.00 -35.79 14.81
CA VAL D 88 -2.88 -36.47 14.18
C VAL D 88 -2.23 -37.40 15.20
N HIS D 89 -2.11 -38.67 14.83
CA HIS D 89 -1.59 -39.71 15.71
C HIS D 89 -0.49 -40.47 14.99
N PRO D 90 0.41 -41.11 15.73
CA PRO D 90 1.53 -41.82 15.07
C PRO D 90 1.09 -42.86 14.07
N GLY D 91 0.03 -43.62 14.36
CA GLY D 91 -0.50 -44.55 13.38
C GLY D 91 -1.65 -43.98 12.58
N VAL D 92 -1.37 -43.45 11.39
CA VAL D 92 -2.41 -42.94 10.51
C VAL D 92 -2.25 -43.56 9.12
N ILE D 93 -1.06 -43.38 8.53
CA ILE D 93 -0.79 -43.82 7.16
C ILE D 93 0.62 -44.39 7.12
N SER D 94 1.01 -44.88 5.94
CA SER D 94 2.25 -45.63 5.78
C SER D 94 3.39 -44.77 5.22
N GLY D 95 3.19 -44.16 4.06
CA GLY D 95 4.29 -43.44 3.44
C GLY D 95 3.85 -42.67 2.22
N LEU D 96 4.84 -42.33 1.39
CA LEU D 96 4.60 -41.52 0.20
C LEU D 96 3.74 -42.24 -0.83
N ASN D 97 3.67 -43.57 -0.78
CA ASN D 97 2.88 -44.33 -1.74
C ASN D 97 1.44 -44.56 -1.28
N SER D 98 1.07 -44.04 -0.11
CA SER D 98 -0.28 -44.19 0.39
C SER D 98 -1.05 -42.89 0.20
N PRO D 99 -2.06 -42.85 -0.68
CA PRO D 99 -2.84 -41.63 -0.84
C PRO D 99 -3.57 -41.27 0.45
N ALA D 100 -3.66 -39.97 0.73
CA ALA D 100 -4.30 -39.50 1.95
C ALA D 100 -5.01 -38.18 1.67
N CYS D 101 -6.04 -37.91 2.46
CA CYS D 101 -6.81 -36.68 2.35
C CYS D 101 -7.02 -36.09 3.73
N MET D 102 -7.17 -34.76 3.78
CA MET D 102 -7.35 -34.03 5.02
C MET D 102 -8.72 -33.38 5.04
N LEU D 103 -9.34 -33.35 6.22
CA LEU D 103 -10.64 -32.71 6.37
C LEU D 103 -10.49 -31.20 6.24
N SER D 104 -11.61 -30.54 5.94
CA SER D 104 -11.61 -29.11 5.68
C SER D 104 -12.09 -28.28 6.85
N ALA D 105 -13.03 -28.78 7.66
CA ALA D 105 -13.52 -27.98 8.77
C ALA D 105 -12.49 -27.82 9.89
N PRO D 106 -11.88 -28.88 10.43
CA PRO D 106 -10.81 -28.65 11.42
C PRO D 106 -9.62 -27.92 10.85
N LEU D 107 -9.30 -28.15 9.57
CA LEU D 107 -8.21 -27.41 8.95
C LEU D 107 -8.52 -25.92 8.88
N GLU D 108 -9.75 -25.56 8.52
CA GLU D 108 -10.15 -24.16 8.50
C GLU D 108 -10.13 -23.57 9.90
N LYS D 109 -10.56 -24.34 10.90
CA LYS D 109 -10.52 -23.87 12.28
C LYS D 109 -9.08 -23.59 12.72
N GLN D 110 -8.15 -24.46 12.32
CA GLN D 110 -6.75 -24.24 12.67
C GLN D 110 -6.17 -23.04 11.94
N LEU D 111 -6.52 -22.89 10.65
CA LEU D 111 -5.97 -21.78 9.87
C LEU D 111 -6.45 -20.44 10.39
N PHE D 112 -7.72 -20.34 10.75
CA PHE D 112 -8.32 -19.12 11.30
C PHE D 112 -8.64 -19.38 12.76
N TYR D 113 -7.66 -19.16 13.63
CA TYR D 113 -7.80 -19.40 15.06
C TYR D 113 -7.86 -18.13 15.89
N TYR D 114 -7.18 -17.07 15.47
CA TYR D 114 -7.11 -15.84 16.24
C TYR D 114 -8.27 -14.93 15.89
N ILE D 115 -8.95 -14.41 16.92
CA ILE D 115 -10.07 -13.51 16.73
C ILE D 115 -9.60 -12.08 16.97
N GLY D 116 -10.39 -11.12 16.50
CA GLY D 116 -10.05 -9.72 16.66
C GLY D 116 -11.07 -8.85 15.98
N THR D 117 -10.80 -7.55 16.02
CA THR D 117 -11.67 -6.56 15.40
C THR D 117 -11.26 -6.36 13.95
N MET D 118 -12.17 -6.66 13.03
CA MET D 118 -11.86 -6.54 11.60
C MET D 118 -12.02 -5.11 11.11
N LEU D 119 -13.23 -4.57 11.20
CA LEU D 119 -13.48 -3.18 10.81
C LEU D 119 -13.25 -2.27 12.02
N PRO D 120 -12.29 -1.35 11.95
CA PRO D 120 -11.98 -0.50 13.10
C PRO D 120 -13.02 0.60 13.27
N ASN D 121 -12.76 1.46 14.25
CA ASN D 121 -13.63 2.58 14.57
C ASN D 121 -13.10 3.90 14.01
N THR D 122 -12.15 3.84 13.08
CA THR D 122 -11.61 5.05 12.48
C THR D 122 -12.69 5.75 11.65
N ARG D 123 -12.45 7.02 11.35
CA ARG D 123 -13.46 7.84 10.69
C ARG D 123 -13.88 7.30 9.33
N PRO D 124 -12.98 6.97 8.39
CA PRO D 124 -13.44 6.47 7.09
C PRO D 124 -14.26 5.19 7.18
N HIS D 125 -13.94 4.29 8.10
CA HIS D 125 -14.64 3.02 8.20
C HIS D 125 -15.83 3.08 9.15
N SER D 126 -16.02 4.17 9.88
CA SER D 126 -17.18 4.31 10.74
C SER D 126 -18.40 4.84 10.01
N TYR D 127 -18.19 5.66 8.98
CA TYR D 127 -19.32 6.17 8.20
C TYR D 127 -20.00 5.06 7.41
N VAL D 128 -19.21 4.24 6.73
CA VAL D 128 -19.73 3.26 5.77
C VAL D 128 -20.13 1.97 6.47
N PHE D 129 -19.18 1.32 7.13
CA PHE D 129 -19.39 -0.02 7.66
C PHE D 129 -19.81 0.02 9.13
N TYR D 130 -20.25 -1.13 9.61
CA TYR D 130 -20.52 -1.35 11.02
C TYR D 130 -19.25 -1.79 11.73
N GLN D 131 -19.38 -2.23 12.98
CA GLN D 131 -18.27 -2.78 13.75
C GLN D 131 -18.30 -4.30 13.64
N LEU D 132 -17.15 -4.89 13.30
CA LEU D 132 -17.05 -6.32 13.04
C LEU D 132 -16.06 -6.97 14.00
N ARG D 133 -16.36 -8.20 14.41
CA ARG D 133 -15.48 -8.96 15.28
C ARG D 133 -15.62 -10.44 14.89
N CYS D 134 -14.58 -10.99 14.29
CA CYS D 134 -14.65 -12.36 13.77
C CYS D 134 -13.25 -12.93 13.67
N HIS D 135 -13.18 -14.25 13.52
CA HIS D 135 -11.90 -14.93 13.34
C HIS D 135 -11.22 -14.41 12.08
N LEU D 136 -9.93 -14.11 12.18
CA LEU D 136 -9.24 -13.46 11.09
C LEU D 136 -7.74 -13.78 11.16
N SER D 137 -7.03 -13.34 10.13
CA SER D 137 -5.57 -13.37 10.10
C SER D 137 -5.12 -12.17 9.28
N TYR D 138 -3.92 -11.68 9.58
CA TYR D 138 -3.45 -10.46 8.94
C TYR D 138 -1.98 -10.62 8.53
N VAL D 139 -1.59 -9.81 7.55
CA VAL D 139 -0.20 -9.73 7.09
C VAL D 139 0.17 -8.26 7.15
N ALA D 140 0.78 -7.84 8.26
CA ALA D 140 1.11 -6.45 8.51
C ALA D 140 2.60 -6.20 8.28
N LEU D 141 2.90 -5.00 7.78
CA LEU D 141 4.28 -4.59 7.55
C LEU D 141 4.32 -3.07 7.56
N SER D 142 5.53 -2.54 7.75
CA SER D 142 5.72 -1.10 7.84
C SER D 142 7.07 -0.73 7.23
N ILE D 143 7.10 0.38 6.52
CA ILE D 143 8.30 0.87 5.84
C ILE D 143 8.51 2.34 6.18
N ASN D 144 9.68 2.85 5.80
CA ASN D 144 10.01 4.27 5.91
C ASN D 144 9.88 4.78 7.34
N GLY D 145 10.29 3.96 8.30
CA GLY D 145 10.21 4.34 9.70
C GLY D 145 8.80 4.60 10.18
N ASP D 146 7.89 3.69 9.85
CA ASP D 146 6.46 3.75 10.20
C ASP D 146 5.73 4.91 9.54
N LYS D 147 6.34 5.57 8.56
CA LYS D 147 5.62 6.57 7.76
C LYS D 147 4.60 5.92 6.83
N PHE D 148 4.73 4.62 6.57
CA PHE D 148 3.79 3.88 5.75
C PHE D 148 3.50 2.55 6.42
N GLN D 149 2.21 2.20 6.48
CA GLN D 149 1.77 0.96 7.11
C GLN D 149 0.77 0.26 6.21
N TYR D 150 0.66 -1.05 6.38
CA TYR D 150 -0.28 -1.86 5.63
C TYR D 150 -0.80 -2.97 6.53
N THR D 151 -2.10 -3.24 6.42
CA THR D 151 -2.75 -4.31 7.18
C THR D 151 -3.65 -5.08 6.24
N GLY D 152 -3.36 -6.37 6.07
CA GLY D 152 -4.08 -7.20 5.13
C GLY D 152 -5.01 -8.20 5.78
N ALA D 153 -5.77 -7.76 6.78
CA ALA D 153 -6.62 -8.67 7.54
C ALA D 153 -7.56 -9.44 6.62
N MET D 154 -7.66 -10.74 6.85
CA MET D 154 -8.41 -11.65 5.98
C MET D 154 -9.53 -12.32 6.75
N THR D 155 -10.35 -13.05 6.00
CA THR D 155 -11.38 -13.92 6.55
C THR D 155 -11.66 -15.01 5.52
N SER D 156 -12.31 -16.09 5.96
CA SER D 156 -12.67 -17.16 5.05
C SER D 156 -13.70 -16.75 4.00
N LYS D 157 -14.15 -15.50 4.00
CA LYS D 157 -15.13 -15.01 3.03
C LYS D 157 -14.62 -13.85 2.19
N PHE D 158 -13.82 -12.95 2.76
CA PHE D 158 -13.39 -11.78 2.02
C PHE D 158 -12.10 -11.23 2.63
N LEU D 159 -11.41 -10.40 1.85
CA LEU D 159 -10.19 -9.73 2.25
C LEU D 159 -10.47 -8.24 2.44
N MET D 160 -9.56 -7.57 3.16
CA MET D 160 -9.66 -6.13 3.37
C MET D 160 -8.27 -5.57 3.63
N GLY D 161 -7.74 -4.83 2.65
CA GLY D 161 -6.47 -4.14 2.84
C GLY D 161 -6.65 -2.74 3.37
N THR D 162 -5.52 -2.13 3.76
CA THR D 162 -5.54 -0.78 4.31
C THR D 162 -4.15 -0.18 4.13
N TYR D 163 -4.06 0.84 3.28
CA TYR D 163 -2.79 1.52 3.02
C TYR D 163 -2.67 2.78 3.87
N LYS D 164 -2.74 2.60 5.18
CA LYS D 164 -2.66 3.73 6.10
C LYS D 164 -1.27 4.36 6.04
N ARG D 165 -1.18 5.54 5.43
CA ARG D 165 0.06 6.27 5.33
C ARG D 165 0.00 7.48 6.27
N VAL D 166 1.08 7.72 6.99
CA VAL D 166 1.19 8.83 7.92
C VAL D 166 2.20 9.82 7.36
N THR D 167 1.75 11.03 7.07
CA THR D 167 2.61 12.11 6.63
C THR D 167 3.06 12.92 7.84
N GLU D 168 3.67 14.08 7.60
CA GLU D 168 4.02 14.96 8.68
C GLU D 168 2.76 15.59 9.28
N LYS D 169 2.95 16.32 10.39
CA LYS D 169 1.90 16.96 11.18
C LYS D 169 1.01 15.96 11.91
N GLY D 170 1.22 14.66 11.71
CA GLY D 170 0.42 13.65 12.37
C GLY D 170 -0.83 13.22 11.62
N ASP D 171 -1.15 13.88 10.51
CA ASP D 171 -2.32 13.49 9.73
C ASP D 171 -2.05 12.18 8.99
N GLU D 172 -3.13 11.46 8.69
CA GLU D 172 -3.05 10.15 8.06
C GLU D 172 -3.80 10.16 6.74
N HIS D 173 -3.71 9.03 6.04
CA HIS D 173 -4.43 8.82 4.78
C HIS D 173 -4.72 7.32 4.67
N VAL D 174 -5.99 6.98 4.47
CA VAL D 174 -6.45 5.60 4.58
C VAL D 174 -7.11 5.19 3.26
N LEU D 175 -6.90 3.92 2.88
CA LEU D 175 -7.51 3.32 1.70
C LEU D 175 -8.07 1.96 2.07
N SER D 176 -8.93 1.43 1.20
CA SER D 176 -9.51 0.11 1.41
C SER D 176 -9.78 -0.53 0.07
N LEU D 177 -9.50 -1.83 -0.02
CA LEU D 177 -9.62 -2.59 -1.26
C LEU D 177 -10.30 -3.92 -1.01
N VAL D 178 -11.44 -3.88 -0.31
CA VAL D 178 -12.17 -5.09 0.05
C VAL D 178 -12.42 -5.93 -1.18
N PHE D 179 -12.11 -7.23 -1.07
CA PHE D 179 -12.24 -8.18 -2.17
C PHE D 179 -12.87 -9.47 -1.66
N GLY D 180 -13.66 -10.09 -2.50
CA GLY D 180 -14.32 -11.33 -2.15
C GLY D 180 -15.63 -11.49 -2.90
N LYS D 181 -16.34 -12.56 -2.56
CA LYS D 181 -17.65 -12.81 -3.16
C LYS D 181 -18.62 -11.69 -2.81
N THR D 182 -19.48 -11.34 -3.77
CA THR D 182 -20.40 -10.23 -3.59
C THR D 182 -21.46 -10.52 -2.53
N LYS D 183 -21.75 -11.78 -2.25
CA LYS D 183 -22.77 -12.15 -1.28
C LYS D 183 -22.23 -12.30 0.13
N ASP D 184 -20.94 -12.10 0.35
CA ASP D 184 -20.33 -12.25 1.67
C ASP D 184 -19.61 -10.99 2.12
N LEU D 185 -19.76 -9.88 1.39
CA LEU D 185 -19.11 -8.64 1.76
C LEU D 185 -19.77 -8.04 3.01
N PRO D 186 -19.05 -7.15 3.71
CA PRO D 186 -19.60 -6.59 4.95
C PRO D 186 -20.86 -5.76 4.71
N ASP D 187 -21.46 -5.33 5.82
CA ASP D 187 -22.74 -4.64 5.79
C ASP D 187 -22.52 -3.13 5.79
N LEU D 188 -23.27 -2.43 4.94
CA LEU D 188 -23.20 -0.98 4.86
C LEU D 188 -24.18 -0.37 5.84
N ARG D 189 -24.32 0.95 5.80
CA ARG D 189 -25.35 1.63 6.59
C ARG D 189 -25.73 2.91 5.89
N GLY D 190 -26.93 3.36 6.17
CA GLY D 190 -27.31 4.67 5.64
C GLY D 190 -27.62 4.51 4.21
N PRO D 191 -27.40 5.54 3.41
CA PRO D 191 -27.77 5.53 1.99
C PRO D 191 -26.74 4.84 1.10
N PHE D 192 -25.84 4.07 1.69
CA PHE D 192 -24.75 3.46 0.95
C PHE D 192 -25.19 2.14 0.30
N SER D 193 -24.63 1.87 -0.87
CA SER D 193 -24.93 0.65 -1.61
C SER D 193 -23.68 0.19 -2.34
N TYR D 194 -23.50 -1.13 -2.43
CA TYR D 194 -22.32 -1.69 -3.08
C TYR D 194 -22.19 -1.33 -4.55
N PRO D 195 -23.22 -1.44 -5.39
CA PRO D 195 -23.01 -1.24 -6.84
C PRO D 195 -22.45 0.13 -7.20
N SER D 196 -22.60 1.13 -6.34
CA SER D 196 -21.99 2.44 -6.57
C SER D 196 -20.54 2.51 -6.11
N LEU D 197 -20.00 1.43 -5.55
CA LEU D 197 -18.64 1.43 -5.02
C LEU D 197 -17.69 0.50 -5.75
N THR D 198 -18.18 -0.61 -6.30
CA THR D 198 -17.31 -1.58 -6.95
C THR D 198 -16.64 -0.98 -8.18
N SER D 199 -15.36 -1.28 -8.36
CA SER D 199 -14.62 -0.87 -9.54
C SER D 199 -14.44 -2.01 -10.55
N ALA D 200 -14.79 -3.24 -10.18
CA ALA D 200 -14.73 -4.38 -11.07
C ALA D 200 -15.65 -5.46 -10.53
N GLN D 201 -16.16 -6.30 -11.43
CA GLN D 201 -17.09 -7.35 -11.02
C GLN D 201 -17.12 -8.44 -12.08
N SER D 202 -16.76 -9.65 -11.68
CA SER D 202 -16.90 -10.82 -12.53
C SER D 202 -18.28 -11.44 -12.27
N GLY D 203 -18.49 -12.68 -12.73
CA GLY D 203 -19.78 -13.32 -12.53
C GLY D 203 -20.17 -13.45 -11.08
N ASP D 204 -19.18 -13.73 -10.21
CA ASP D 204 -19.50 -13.92 -8.80
C ASP D 204 -18.50 -13.25 -7.85
N TYR D 205 -17.66 -12.34 -8.35
CA TYR D 205 -16.67 -11.68 -7.52
C TYR D 205 -16.77 -10.17 -7.71
N SER D 206 -16.25 -9.43 -6.73
CA SER D 206 -16.27 -7.98 -6.77
C SER D 206 -15.04 -7.44 -6.05
N LEU D 207 -14.67 -6.20 -6.40
CA LEU D 207 -13.52 -5.51 -5.79
C LEU D 207 -13.93 -4.06 -5.55
N VAL D 208 -14.42 -3.77 -4.36
CA VAL D 208 -14.86 -2.42 -4.02
C VAL D 208 -13.68 -1.63 -3.48
N ILE D 209 -13.86 -0.31 -3.41
CA ILE D 209 -12.86 0.60 -2.86
C ILE D 209 -13.58 1.60 -1.96
N VAL D 210 -13.06 1.78 -0.75
CA VAL D 210 -13.68 2.65 0.25
C VAL D 210 -12.65 3.71 0.65
N THR D 211 -12.98 4.97 0.40
CA THR D 211 -12.11 6.10 0.77
C THR D 211 -12.89 7.39 0.57
N THR D 212 -12.38 8.46 1.17
CA THR D 212 -12.92 9.79 0.94
C THR D 212 -12.23 10.42 -0.27
N PHE D 213 -12.83 11.50 -0.76
CA PHE D 213 -12.31 12.15 -1.97
C PHE D 213 -10.89 12.68 -1.75
N VAL D 214 -10.65 13.33 -0.61
CA VAL D 214 -9.33 13.89 -0.35
C VAL D 214 -8.29 12.78 -0.22
N HIS D 215 -8.62 11.72 0.52
CA HIS D 215 -7.69 10.60 0.66
C HIS D 215 -7.46 9.90 -0.67
N TYR D 216 -8.52 9.75 -1.47
CA TYR D 216 -8.36 9.12 -2.77
C TYR D 216 -7.47 9.95 -3.67
N ALA D 217 -7.62 11.28 -3.66
CA ALA D 217 -6.75 12.14 -4.46
C ALA D 217 -5.30 12.05 -3.97
N ASN D 218 -5.11 12.04 -2.64
CA ASN D 218 -3.76 11.96 -2.10
C ASN D 218 -3.07 10.68 -2.54
N PHE D 219 -3.79 9.56 -2.51
CA PHE D 219 -3.20 8.30 -2.98
C PHE D 219 -3.09 8.29 -4.51
N HIS D 220 -3.93 9.03 -5.21
CA HIS D 220 -3.85 9.14 -6.66
C HIS D 220 -2.68 9.99 -7.12
N ASN D 221 -2.09 10.77 -6.21
CA ASN D 221 -0.94 11.59 -6.58
C ASN D 221 0.21 10.73 -7.08
N TYR D 222 0.49 9.60 -6.40
CA TYR D 222 1.61 8.75 -6.76
C TYR D 222 1.23 7.29 -7.03
N PHE D 223 0.10 6.82 -6.51
CA PHE D 223 -0.30 5.42 -6.65
C PHE D 223 -1.50 5.36 -7.57
N VAL D 224 -1.31 4.84 -8.78
CA VAL D 224 -2.38 4.57 -9.72
C VAL D 224 -2.57 3.06 -9.80
N PRO D 225 -3.81 2.56 -9.71
CA PRO D 225 -4.00 1.11 -9.74
C PRO D 225 -4.28 0.57 -11.13
N ASN D 226 -4.39 -0.75 -11.22
CA ASN D 226 -4.80 -1.47 -12.43
C ASN D 226 -5.84 -2.52 -12.05
N LEU D 227 -6.86 -2.07 -11.31
CA LEU D 227 -7.76 -2.98 -10.60
C LEU D 227 -8.37 -4.04 -11.53
N LYS D 228 -8.63 -3.70 -12.78
CA LYS D 228 -9.12 -4.70 -13.72
C LYS D 228 -8.10 -5.82 -13.90
N ASP D 229 -6.84 -5.46 -14.10
CA ASP D 229 -5.80 -6.45 -14.32
C ASP D 229 -5.58 -7.31 -13.08
N MET D 230 -5.47 -6.68 -11.91
CA MET D 230 -5.28 -7.43 -10.67
C MET D 230 -6.45 -8.35 -10.39
N PHE D 231 -7.68 -7.85 -10.62
CA PHE D 231 -8.86 -8.67 -10.40
C PHE D 231 -8.89 -9.87 -11.34
N SER D 232 -8.55 -9.65 -12.61
CA SER D 232 -8.51 -10.75 -13.57
C SER D 232 -7.46 -11.78 -13.19
N ARG D 233 -6.28 -11.32 -12.74
CA ARG D 233 -5.25 -12.25 -12.30
C ARG D 233 -5.72 -13.04 -11.09
N ALA D 234 -6.39 -12.38 -10.14
CA ALA D 234 -6.85 -13.06 -8.93
C ALA D 234 -7.90 -14.12 -9.27
N VAL D 235 -8.84 -13.79 -10.15
CA VAL D 235 -9.91 -14.74 -10.46
C VAL D 235 -9.39 -15.87 -11.34
N THR D 236 -8.57 -15.55 -12.34
CA THR D 236 -8.23 -16.52 -13.38
C THR D 236 -7.21 -17.57 -12.92
N MET D 237 -6.29 -17.21 -12.03
CA MET D 237 -5.21 -18.11 -11.67
C MET D 237 -5.60 -18.99 -10.49
N THR D 238 -4.89 -20.11 -10.36
CA THR D 238 -5.05 -21.01 -9.24
C THR D 238 -4.19 -20.54 -8.06
N ALA D 239 -4.41 -21.17 -6.91
CA ALA D 239 -3.71 -20.75 -5.69
C ALA D 239 -2.21 -20.98 -5.81
N ALA D 240 -1.80 -22.20 -6.20
CA ALA D 240 -0.38 -22.51 -6.27
C ALA D 240 0.32 -21.68 -7.35
N SER D 241 -0.31 -21.54 -8.52
CA SER D 241 0.29 -20.75 -9.59
C SER D 241 0.41 -19.29 -9.20
N TYR D 242 -0.61 -18.83 -8.50
CA TYR D 242 -0.55 -17.42 -8.08
C TYR D 242 0.66 -17.30 -7.18
N ALA D 243 0.64 -18.07 -6.11
CA ALA D 243 1.70 -17.98 -5.11
C ALA D 243 3.07 -18.05 -5.76
N ARG D 244 3.24 -18.96 -6.72
CA ARG D 244 4.52 -19.07 -7.42
C ARG D 244 4.85 -17.80 -8.19
N TYR D 245 3.84 -17.20 -8.84
CA TYR D 245 4.07 -15.97 -9.59
C TYR D 245 4.49 -14.82 -8.68
N VAL D 246 3.78 -14.67 -7.55
CA VAL D 246 4.14 -13.62 -6.60
C VAL D 246 5.53 -13.86 -6.04
N LEU D 247 5.86 -15.11 -5.73
CA LEU D 247 7.18 -15.43 -5.21
C LEU D 247 8.26 -15.13 -6.23
N GLN D 248 8.01 -15.46 -7.50
CA GLN D 248 8.99 -15.15 -8.55
C GLN D 248 9.20 -13.65 -8.68
N LYS D 249 8.12 -12.87 -8.67
CA LYS D 249 8.25 -11.42 -8.76
C LYS D 249 9.03 -10.87 -7.57
N LEU D 250 8.72 -11.35 -6.36
CA LEU D 250 9.42 -10.85 -5.18
C LEU D 250 10.88 -11.26 -5.18
N VAL D 251 11.19 -12.46 -5.64
CA VAL D 251 12.57 -12.91 -5.72
C VAL D 251 13.35 -12.08 -6.74
N LEU D 252 12.73 -11.80 -7.88
CA LEU D 252 13.38 -10.94 -8.87
C LEU D 252 13.61 -9.55 -8.31
N LEU D 253 12.65 -9.01 -7.56
CA LEU D 253 12.82 -7.71 -6.92
C LEU D 253 13.87 -7.74 -5.81
N GLU D 254 14.11 -8.91 -5.22
CA GLU D 254 15.10 -9.00 -4.14
C GLU D 254 16.48 -8.63 -4.63
N MET D 255 16.87 -9.11 -5.81
CA MET D 255 18.13 -8.71 -6.41
C MET D 255 18.02 -7.28 -6.93
N LYS D 256 19.13 -6.78 -7.48
CA LYS D 256 19.23 -5.42 -8.01
C LYS D 256 18.96 -4.37 -6.95
N GLY D 257 19.10 -4.73 -5.67
CA GLY D 257 18.87 -3.78 -4.58
C GLY D 257 17.46 -3.25 -4.51
N GLY D 258 16.46 -4.11 -4.70
CA GLY D 258 15.07 -3.69 -4.67
C GLY D 258 14.49 -3.62 -3.27
N CYS D 259 14.70 -4.64 -2.45
CA CYS D 259 14.02 -4.62 -1.13
C CYS D 259 14.97 -4.03 -0.09
N ARG D 260 16.15 -3.62 -0.51
CA ARG D 260 17.05 -2.96 0.45
C ARG D 260 16.39 -1.70 1.02
N GLU D 261 15.78 -0.89 0.16
CA GLU D 261 14.97 0.24 0.57
C GLU D 261 13.72 0.29 -0.31
N PRO D 262 12.58 0.65 0.26
CA PRO D 262 11.34 0.69 -0.53
C PRO D 262 11.06 2.07 -1.11
N GLU D 263 10.19 2.09 -2.11
CA GLU D 263 9.76 3.31 -2.76
C GLU D 263 8.24 3.36 -2.79
N LEU D 264 7.70 4.57 -2.84
CA LEU D 264 6.25 4.78 -2.88
C LEU D 264 5.84 4.92 -4.34
N ASP D 265 5.50 3.78 -4.95
CA ASP D 265 5.04 3.76 -6.33
C ASP D 265 3.98 2.68 -6.48
N THR D 266 3.54 2.49 -7.70
CA THR D 266 2.41 1.57 -7.89
C THR D 266 2.85 0.14 -7.68
N GLU D 267 4.03 -0.20 -8.13
CA GLU D 267 4.45 -1.60 -8.12
C GLU D 267 4.53 -2.16 -6.71
N THR D 268 5.09 -1.39 -5.77
CA THR D 268 5.29 -1.91 -4.42
C THR D 268 3.96 -2.18 -3.72
N LEU D 269 3.05 -1.21 -3.73
CA LEU D 269 1.76 -1.38 -3.09
C LEU D 269 0.95 -2.47 -3.79
N THR D 270 1.12 -2.56 -5.09
CA THR D 270 0.37 -3.66 -5.68
C THR D 270 0.92 -4.93 -5.08
N THR D 271 2.24 -5.09 -5.17
CA THR D 271 2.81 -6.36 -4.71
C THR D 271 2.34 -6.70 -3.30
N MET D 272 2.20 -5.70 -2.42
CA MET D 272 1.64 -5.97 -1.10
C MET D 272 0.24 -6.54 -1.22
N PHE D 273 -0.59 -5.93 -2.06
CA PHE D 273 -1.95 -6.44 -2.24
C PHE D 273 -1.93 -7.83 -2.86
N GLU D 274 -0.91 -8.06 -3.63
CA GLU D 274 -0.98 -9.39 -4.20
C GLU D 274 -0.75 -10.28 -3.02
N VAL D 275 0.39 -10.11 -2.38
CA VAL D 275 0.74 -11.05 -1.31
C VAL D 275 -0.49 -11.35 -0.47
N SER D 276 -1.25 -10.31 -0.11
CA SER D 276 -2.46 -10.52 0.67
C SER D 276 -3.43 -11.42 -0.07
N VAL D 277 -3.63 -11.18 -1.36
CA VAL D 277 -4.53 -12.01 -2.16
C VAL D 277 -3.98 -13.43 -2.30
N ALA D 278 -2.66 -13.59 -2.38
CA ALA D 278 -2.07 -14.91 -2.48
C ALA D 278 -2.38 -15.75 -1.25
N PHE D 279 -2.27 -15.15 -0.06
CA PHE D 279 -2.69 -15.86 1.13
C PHE D 279 -4.19 -16.13 1.15
N PHE D 280 -4.98 -15.11 0.79
CA PHE D 280 -6.43 -15.23 0.87
C PHE D 280 -6.97 -16.28 -0.09
N LYS D 281 -6.31 -16.46 -1.24
CA LYS D 281 -6.78 -17.45 -2.21
C LYS D 281 -6.69 -18.85 -1.65
N VAL D 282 -5.56 -19.19 -1.04
CA VAL D 282 -5.41 -20.50 -0.40
C VAL D 282 -6.40 -20.64 0.74
N GLY D 283 -6.54 -19.58 1.56
CA GLY D 283 -7.48 -19.63 2.67
C GLY D 283 -8.90 -19.90 2.21
N HIS D 284 -9.34 -19.19 1.17
CA HIS D 284 -10.70 -19.36 0.66
C HIS D 284 -10.87 -20.73 -0.01
N ALA D 285 -9.87 -21.17 -0.78
CA ALA D 285 -9.97 -22.46 -1.44
C ALA D 285 -10.11 -23.59 -0.44
N VAL D 286 -9.36 -23.53 0.66
CA VAL D 286 -9.56 -24.50 1.73
C VAL D 286 -10.93 -24.32 2.35
N GLY D 287 -11.36 -23.08 2.56
CA GLY D 287 -12.66 -22.82 3.14
C GLY D 287 -13.81 -23.20 2.22
N GLU D 288 -13.64 -22.96 0.91
CA GLU D 288 -14.73 -23.19 -0.04
C GLU D 288 -15.07 -24.67 -0.22
N THR D 289 -14.25 -25.58 0.30
CA THR D 289 -14.55 -27.00 0.15
C THR D 289 -15.86 -27.37 0.83
N GLY D 290 -16.11 -26.82 2.01
CA GLY D 290 -17.36 -27.05 2.70
C GLY D 290 -17.53 -28.44 3.27
N ASN D 291 -16.73 -28.77 4.28
CA ASN D 291 -16.82 -30.06 4.98
C ASN D 291 -16.56 -31.24 4.04
N GLY D 292 -15.71 -31.02 3.04
CA GLY D 292 -15.33 -32.10 2.14
C GLY D 292 -13.96 -32.66 2.48
N CYS D 293 -13.05 -32.65 1.50
CA CYS D 293 -11.70 -33.15 1.72
C CYS D 293 -10.77 -32.46 0.73
N VAL D 294 -9.49 -32.38 1.10
CA VAL D 294 -8.46 -31.76 0.29
C VAL D 294 -7.34 -32.77 0.06
N ASP D 295 -6.90 -32.89 -1.19
CA ASP D 295 -5.81 -33.79 -1.51
C ASP D 295 -4.52 -33.33 -0.85
N LEU D 296 -3.71 -34.29 -0.40
CA LEU D 296 -2.50 -33.95 0.34
C LEU D 296 -1.44 -33.29 -0.54
N ARG D 297 -1.35 -33.71 -1.81
CA ARG D 297 -0.35 -33.13 -2.70
C ARG D 297 -0.60 -31.64 -2.94
N TRP D 298 -1.87 -31.28 -3.17
CA TRP D 298 -2.21 -29.87 -3.36
C TRP D 298 -1.91 -29.05 -2.11
N LEU D 299 -2.26 -29.59 -0.94
CA LEU D 299 -1.96 -28.91 0.31
C LEU D 299 -0.46 -28.71 0.49
N ALA D 300 0.32 -29.74 0.21
CA ALA D 300 1.77 -29.64 0.34
C ALA D 300 2.34 -28.57 -0.60
N LYS D 301 1.89 -28.57 -1.86
CA LYS D 301 2.37 -27.58 -2.82
C LYS D 301 2.02 -26.17 -2.35
N SER D 302 0.75 -25.94 -2.00
CA SER D 302 0.31 -24.60 -1.63
C SER D 302 1.02 -24.12 -0.37
N PHE D 303 1.17 -24.98 0.63
CA PHE D 303 1.79 -24.55 1.87
C PHE D 303 3.30 -24.39 1.74
N PHE D 304 3.94 -25.17 0.85
CA PHE D 304 5.35 -24.91 0.56
C PHE D 304 5.54 -23.56 -0.08
N GLU D 305 4.69 -23.22 -1.07
CA GLU D 305 4.76 -21.89 -1.66
C GLU D 305 4.50 -20.80 -0.64
N LEU D 306 3.53 -21.02 0.26
CA LEU D 306 3.23 -20.04 1.29
C LEU D 306 4.41 -19.86 2.25
N THR D 307 5.08 -20.96 2.61
CA THR D 307 6.23 -20.87 3.50
C THR D 307 7.36 -20.10 2.85
N VAL D 308 7.63 -20.37 1.57
CA VAL D 308 8.69 -19.64 0.87
C VAL D 308 8.33 -18.16 0.76
N LEU D 309 7.06 -17.86 0.49
CA LEU D 309 6.62 -16.47 0.43
C LEU D 309 6.80 -15.78 1.77
N LYS D 310 6.44 -16.46 2.86
CA LYS D 310 6.65 -15.89 4.20
C LYS D 310 8.12 -15.62 4.44
N ASP D 311 9.00 -16.56 4.07
CA ASP D 311 10.42 -16.37 4.28
C ASP D 311 10.93 -15.15 3.52
N ILE D 312 10.56 -15.02 2.25
CA ILE D 312 11.10 -13.92 1.45
C ILE D 312 10.54 -12.58 1.92
N ILE D 313 9.24 -12.52 2.27
CA ILE D 313 8.69 -11.26 2.74
C ILE D 313 9.30 -10.87 4.08
N GLY D 314 9.53 -11.84 4.96
CA GLY D 314 10.21 -11.52 6.20
C GLY D 314 11.64 -11.07 5.99
N ILE D 315 12.32 -11.64 4.99
CA ILE D 315 13.71 -11.29 4.73
C ILE D 315 13.82 -9.87 4.21
N CYS D 316 13.01 -9.52 3.20
CA CYS D 316 13.23 -8.26 2.48
C CYS D 316 12.18 -7.19 2.77
N TYR D 317 11.23 -7.43 3.66
CA TYR D 317 10.18 -6.46 3.95
C TYR D 317 9.99 -6.16 5.43
N GLY D 318 10.41 -7.04 6.33
CA GLY D 318 10.08 -6.87 7.73
C GLY D 318 8.63 -7.15 8.05
N ALA D 319 7.94 -7.89 7.19
CA ALA D 319 6.53 -8.16 7.37
C ALA D 319 6.31 -9.18 8.49
N THR D 320 5.13 -9.12 9.09
CA THR D 320 4.72 -10.05 10.14
C THR D 320 3.43 -10.73 9.73
N VAL D 321 3.40 -12.05 9.85
CA VAL D 321 2.25 -12.86 9.46
C VAL D 321 1.70 -13.55 10.70
N LYS D 322 0.40 -13.40 10.93
CA LYS D 322 -0.27 -14.03 12.06
C LYS D 322 -1.31 -15.01 11.53
N GLY D 323 -1.32 -16.22 12.10
CA GLY D 323 -2.23 -17.23 11.63
C GLY D 323 -1.75 -17.86 10.32
N MET D 324 -2.71 -18.43 9.59
CA MET D 324 -2.46 -19.08 8.30
C MET D 324 -1.48 -20.24 8.42
N GLN D 325 -1.41 -20.85 9.60
CA GLN D 325 -0.55 -21.99 9.84
C GLN D 325 -1.29 -23.01 10.69
N SER D 326 -1.25 -24.27 10.28
CA SER D 326 -1.89 -25.36 11.01
C SER D 326 -0.82 -26.33 11.50
N TYR D 327 -0.84 -26.62 12.81
CA TYR D 327 0.15 -27.52 13.37
C TYR D 327 -0.11 -28.98 13.02
N GLY D 328 -1.36 -29.33 12.77
CA GLY D 328 -1.68 -30.70 12.39
C GLY D 328 -1.05 -31.09 11.06
N LEU D 329 -1.08 -30.19 10.08
CA LEU D 329 -0.45 -30.48 8.79
C LEU D 329 1.06 -30.62 8.94
N GLU D 330 1.68 -29.78 9.77
CA GLU D 330 3.11 -29.91 10.01
C GLU D 330 3.45 -31.23 10.68
N ARG D 331 2.63 -31.64 11.65
CA ARG D 331 2.84 -32.94 12.28
C ARG D 331 2.72 -34.08 11.28
N LEU D 332 1.70 -34.01 10.41
CA LEU D 332 1.52 -35.04 9.40
C LEU D 332 2.70 -35.09 8.44
N ALA D 333 3.18 -33.92 8.01
CA ALA D 333 4.34 -33.88 7.11
C ALA D 333 5.58 -34.45 7.77
N ALA D 334 5.81 -34.10 9.04
CA ALA D 334 6.96 -34.65 9.76
C ALA D 334 6.86 -36.16 9.90
N MET D 335 5.66 -36.66 10.22
CA MET D 335 5.47 -38.11 10.33
C MET D 335 5.71 -38.80 8.99
N LEU D 336 5.21 -38.22 7.91
CA LEU D 336 5.38 -38.82 6.59
C LEU D 336 6.84 -38.83 6.16
N MET D 337 7.56 -37.72 6.39
CA MET D 337 8.94 -37.64 5.95
C MET D 337 9.88 -38.46 6.84
N ALA D 338 9.53 -38.64 8.11
CA ALA D 338 10.40 -39.37 9.02
C ALA D 338 10.58 -40.82 8.60
N THR D 339 9.57 -41.41 7.95
CA THR D 339 9.67 -42.81 7.55
C THR D 339 10.76 -43.02 6.51
N VAL D 340 10.86 -42.12 5.53
CA VAL D 340 11.83 -42.29 4.45
C VAL D 340 13.23 -41.94 4.95
N LYS D 341 14.23 -42.41 4.22
CA LYS D 341 15.64 -42.15 4.52
C LYS D 341 16.16 -41.10 3.57
N MET D 342 16.82 -40.07 4.11
CA MET D 342 17.31 -38.98 3.28
C MET D 342 18.41 -39.44 2.33
N GLU D 343 19.28 -40.34 2.80
CA GLU D 343 20.41 -40.78 1.99
C GLU D 343 20.01 -41.61 0.78
N GLU D 344 18.77 -42.10 0.73
CA GLU D 344 18.26 -42.87 -0.39
C GLU D 344 17.25 -42.10 -1.21
N LEU D 345 17.17 -40.78 -1.03
CA LEU D 345 16.20 -39.97 -1.76
C LEU D 345 16.53 -39.87 -3.25
N GLY D 346 17.78 -40.11 -3.64
CA GLY D 346 18.14 -39.98 -5.04
C GLY D 346 17.58 -41.07 -5.92
N HIS D 347 17.30 -42.24 -5.35
CA HIS D 347 16.76 -43.36 -6.13
C HIS D 347 15.24 -43.40 -5.99
N LEU D 348 14.61 -42.37 -6.57
CA LEU D 348 13.16 -42.23 -6.53
C LEU D 348 12.70 -41.49 -7.77
N THR D 349 11.41 -41.59 -8.05
CA THR D 349 10.83 -40.88 -9.18
C THR D 349 10.84 -39.38 -8.92
N THR D 350 10.82 -38.59 -10.01
CA THR D 350 10.89 -37.14 -9.89
C THR D 350 9.70 -36.58 -9.11
N GLU D 351 8.49 -37.07 -9.41
CA GLU D 351 7.31 -36.60 -8.70
C GLU D 351 7.39 -36.95 -7.22
N LYS D 352 7.81 -38.17 -6.90
CA LYS D 352 7.95 -38.57 -5.51
C LYS D 352 9.05 -37.75 -4.82
N GLN D 353 10.15 -37.48 -5.51
CA GLN D 353 11.21 -36.66 -4.94
C GLN D 353 10.71 -35.27 -4.60
N GLU D 354 9.99 -34.64 -5.53
CA GLU D 354 9.46 -33.31 -5.28
C GLU D 354 8.43 -33.32 -4.15
N TYR D 355 7.58 -34.35 -4.12
CA TYR D 355 6.59 -34.46 -3.05
C TYR D 355 7.27 -34.60 -1.69
N ALA D 356 8.30 -35.44 -1.60
CA ALA D 356 9.01 -35.61 -0.34
C ALA D 356 9.73 -34.34 0.07
N LEU D 357 10.34 -33.62 -0.88
CA LEU D 357 11.01 -32.38 -0.55
C LEU D 357 10.03 -31.33 -0.06
N ARG D 358 8.86 -31.23 -0.70
CA ARG D 358 7.84 -30.29 -0.26
C ARG D 358 7.34 -30.65 1.13
N LEU D 359 7.12 -31.94 1.40
CA LEU D 359 6.70 -32.36 2.72
C LEU D 359 7.75 -32.03 3.78
N ALA D 360 9.03 -32.27 3.46
CA ALA D 360 10.09 -31.96 4.41
C ALA D 360 10.17 -30.47 4.69
N THR D 361 10.03 -29.64 3.65
CA THR D 361 10.05 -28.20 3.85
C THR D 361 8.87 -27.74 4.69
N VAL D 362 7.68 -28.30 4.43
CA VAL D 362 6.50 -27.89 5.17
C VAL D 362 6.59 -28.32 6.64
N GLY D 363 7.05 -29.54 6.89
CA GLY D 363 7.05 -30.08 8.23
C GLY D 363 8.02 -29.41 9.19
N TYR D 364 9.09 -28.81 8.67
CA TYR D 364 10.11 -28.17 9.50
C TYR D 364 10.37 -26.76 8.98
N PRO D 365 9.40 -25.85 9.17
CA PRO D 365 9.62 -24.46 8.71
C PRO D 365 10.78 -23.77 9.41
N LYS D 366 11.03 -24.08 10.68
CA LYS D 366 12.10 -23.43 11.41
C LYS D 366 13.47 -23.90 10.92
N ALA D 367 14.47 -23.06 11.17
CA ALA D 367 15.85 -23.35 10.78
C ALA D 367 16.63 -23.85 11.98
N GLY D 368 17.35 -24.96 11.81
CA GLY D 368 18.16 -25.54 12.86
C GLY D 368 17.46 -26.58 13.72
N VAL D 369 16.15 -26.77 13.54
CA VAL D 369 15.44 -27.77 14.31
C VAL D 369 15.88 -29.17 13.88
N TYR D 370 16.11 -29.37 12.59
CA TYR D 370 16.60 -30.65 12.08
C TYR D 370 17.41 -30.38 10.83
N SER D 371 18.69 -30.74 10.86
CA SER D 371 19.61 -30.47 9.75
C SER D 371 19.83 -31.68 8.85
N GLY D 372 19.07 -32.76 9.05
CA GLY D 372 19.24 -33.95 8.25
C GLY D 372 18.67 -33.89 6.85
N LEU D 373 17.88 -32.86 6.54
CA LEU D 373 17.32 -32.71 5.21
C LEU D 373 18.38 -32.31 4.19
N ILE D 374 19.51 -31.77 4.65
CA ILE D 374 20.61 -31.45 3.76
C ILE D 374 21.13 -32.72 3.09
N GLY D 375 21.16 -33.83 3.84
CA GLY D 375 21.58 -35.09 3.24
C GLY D 375 20.67 -35.53 2.11
N GLY D 376 19.36 -35.43 2.30
CA GLY D 376 18.43 -35.78 1.23
C GLY D 376 18.57 -34.87 0.02
N ALA D 377 18.69 -33.56 0.26
CA ALA D 377 18.87 -32.62 -0.84
C ALA D 377 20.16 -32.92 -1.60
N THR D 378 21.24 -33.22 -0.88
CA THR D 378 22.51 -33.53 -1.52
C THR D 378 22.42 -34.82 -2.31
N SER D 379 21.72 -35.83 -1.78
CA SER D 379 21.57 -37.08 -2.52
C SER D 379 20.77 -36.86 -3.80
N VAL D 380 19.70 -36.06 -3.73
CA VAL D 380 18.91 -35.77 -4.93
C VAL D 380 19.76 -35.03 -5.96
N LEU D 381 20.53 -34.04 -5.50
CA LEU D 381 21.39 -33.30 -6.42
C LEU D 381 22.46 -34.21 -7.03
N LEU D 382 23.02 -35.11 -6.23
CA LEU D 382 24.04 -36.03 -6.73
C LEU D 382 23.47 -36.97 -7.79
N SER D 383 22.27 -37.51 -7.54
CA SER D 383 21.65 -38.37 -8.54
C SER D 383 21.35 -37.60 -9.83
N ALA D 384 20.84 -36.38 -9.70
CA ALA D 384 20.57 -35.56 -10.88
C ALA D 384 21.85 -35.28 -11.65
N TYR D 385 22.93 -34.94 -10.94
CA TYR D 385 24.21 -34.67 -11.59
C TYR D 385 24.75 -35.93 -12.28
N ASN D 386 24.59 -37.08 -11.64
CA ASN D 386 25.03 -38.33 -12.26
C ASN D 386 24.26 -38.63 -13.54
N ARG D 387 22.96 -38.38 -13.54
CA ARG D 387 22.15 -38.64 -14.72
C ARG D 387 22.06 -37.46 -15.68
N HIS D 388 22.75 -36.35 -15.38
CA HIS D 388 22.70 -35.16 -16.24
C HIS D 388 23.81 -35.22 -17.29
N PRO D 389 23.50 -35.00 -18.57
CA PRO D 389 24.56 -34.93 -19.58
C PRO D 389 25.53 -33.79 -19.28
N LEU D 390 26.81 -34.03 -19.58
CA LEU D 390 27.86 -33.11 -19.17
C LEU D 390 27.83 -31.83 -19.99
N PHE D 391 28.13 -30.72 -19.33
CA PHE D 391 28.32 -29.41 -19.97
C PHE D 391 27.09 -28.98 -20.76
N GLN D 392 25.91 -29.22 -20.20
CA GLN D 392 24.66 -28.84 -20.85
C GLN D 392 23.81 -28.03 -19.89
N PRO D 393 23.00 -27.11 -20.40
CA PRO D 393 22.10 -26.35 -19.53
C PRO D 393 21.09 -27.25 -18.84
N LEU D 394 20.68 -26.85 -17.64
CA LEU D 394 19.74 -27.63 -16.86
C LEU D 394 18.38 -27.68 -17.55
N HIS D 395 17.80 -28.88 -17.57
CA HIS D 395 16.44 -29.03 -18.08
C HIS D 395 15.45 -28.42 -17.11
N THR D 396 14.27 -28.03 -17.62
CA THR D 396 13.32 -27.29 -16.81
C THR D 396 12.80 -28.14 -15.64
N VAL D 397 12.56 -29.42 -15.87
CA VAL D 397 12.06 -30.29 -14.80
C VAL D 397 13.11 -30.45 -13.72
N MET D 398 14.35 -30.74 -14.10
CA MET D 398 15.42 -30.86 -13.12
C MET D 398 15.71 -29.53 -12.45
N ARG D 399 15.58 -28.43 -13.20
CA ARG D 399 15.75 -27.11 -12.60
C ARG D 399 14.72 -26.85 -11.52
N GLU D 400 13.45 -27.17 -11.78
CA GLU D 400 12.43 -26.96 -10.77
C GLU D 400 12.60 -27.90 -9.58
N THR D 401 13.06 -29.14 -9.83
CA THR D 401 13.34 -30.05 -8.72
C THR D 401 14.45 -29.51 -7.82
N LEU D 402 15.53 -28.99 -8.43
CA LEU D 402 16.61 -28.42 -7.65
C LEU D 402 16.17 -27.16 -6.91
N PHE D 403 15.30 -26.36 -7.55
CA PHE D 403 14.77 -25.17 -6.88
C PHE D 403 13.96 -25.57 -5.65
N ILE D 404 13.15 -26.63 -5.77
CA ILE D 404 12.41 -27.12 -4.61
C ILE D 404 13.36 -27.61 -3.53
N GLY D 405 14.42 -28.32 -3.93
CA GLY D 405 15.33 -28.89 -2.95
C GLY D 405 16.16 -27.85 -2.21
N SER D 406 16.58 -26.79 -2.89
CA SER D 406 17.63 -25.91 -2.40
C SER D 406 17.20 -25.00 -1.24
N HIS D 407 15.91 -24.97 -0.89
CA HIS D 407 15.45 -24.09 0.17
C HIS D 407 16.09 -24.45 1.50
N VAL D 408 16.15 -25.74 1.82
CA VAL D 408 16.75 -26.18 3.08
C VAL D 408 18.23 -25.83 3.12
N VAL D 409 18.92 -26.03 1.99
CA VAL D 409 20.35 -25.72 1.92
C VAL D 409 20.58 -24.24 2.15
N LEU D 410 19.78 -23.39 1.51
CA LEU D 410 19.92 -21.94 1.71
C LEU D 410 19.62 -21.55 3.15
N ARG D 411 18.56 -22.14 3.74
CA ARG D 411 18.21 -21.81 5.12
C ARG D 411 19.33 -22.17 6.08
N GLU D 412 19.94 -23.36 5.89
CA GLU D 412 21.07 -23.74 6.72
C GLU D 412 22.28 -22.85 6.46
N LEU D 413 22.46 -22.41 5.20
CA LEU D 413 23.59 -21.56 4.87
C LEU D 413 23.51 -20.20 5.56
N ARG D 414 22.30 -19.65 5.67
CA ARG D 414 22.14 -18.33 6.26
C ARG D 414 22.23 -18.34 7.79
N LEU D 415 22.64 -19.44 8.40
CA LEU D 415 22.76 -19.53 9.85
C LEU D 415 24.11 -18.93 10.30
N ASN D 416 24.45 -19.14 11.57
CA ASN D 416 25.72 -18.69 12.13
C ASN D 416 26.61 -19.84 12.59
N VAL D 417 26.04 -20.95 13.05
CA VAL D 417 26.79 -22.15 13.39
C VAL D 417 26.00 -23.35 12.88
N THR D 418 26.68 -24.28 12.21
CA THR D 418 26.03 -25.43 11.61
C THR D 418 26.85 -26.69 11.89
N THR D 419 26.17 -27.83 11.81
CA THR D 419 26.79 -29.13 12.00
C THR D 419 27.04 -29.88 10.70
N GLN D 420 26.16 -29.74 9.72
CA GLN D 420 26.29 -30.44 8.45
C GLN D 420 27.35 -29.75 7.60
N GLY D 421 28.61 -30.10 7.85
CA GLY D 421 29.72 -29.54 7.13
C GLY D 421 30.05 -30.29 5.86
N PRO D 422 30.37 -31.58 5.96
CA PRO D 422 30.68 -32.35 4.75
C PRO D 422 29.55 -32.40 3.74
N ASN D 423 28.31 -32.50 4.20
CA ASN D 423 27.18 -32.51 3.25
C ASN D 423 27.05 -31.18 2.53
N LEU D 424 27.22 -30.07 3.25
CA LEU D 424 27.19 -28.76 2.61
C LEU D 424 28.33 -28.61 1.61
N ALA D 425 29.53 -29.09 1.98
CA ALA D 425 30.66 -29.03 1.06
C ALA D 425 30.40 -29.84 -0.20
N LEU D 426 29.83 -31.04 -0.06
CA LEU D 426 29.52 -31.86 -1.22
C LEU D 426 28.46 -31.19 -2.10
N TYR D 427 27.44 -30.61 -1.48
CA TYR D 427 26.41 -29.90 -2.25
C TYR D 427 27.00 -28.73 -3.02
N GLN D 428 27.87 -27.95 -2.37
CA GLN D 428 28.46 -26.80 -3.04
C GLN D 428 29.40 -27.23 -4.15
N LEU D 429 30.15 -28.31 -3.94
CA LEU D 429 31.02 -28.83 -5.00
C LEU D 429 30.21 -29.31 -6.19
N LEU D 430 29.11 -30.01 -5.94
CA LEU D 430 28.25 -30.46 -7.04
C LEU D 430 27.65 -29.27 -7.78
N SER D 431 27.23 -28.23 -7.04
CA SER D 431 26.72 -27.04 -7.69
C SER D 431 27.79 -26.34 -8.52
N THR D 432 29.03 -26.31 -8.02
CA THR D 432 30.13 -25.73 -8.77
C THR D 432 30.38 -26.50 -10.06
N ALA D 433 30.31 -27.83 -9.99
CA ALA D 433 30.51 -28.64 -11.19
C ALA D 433 29.40 -28.46 -12.21
N LEU D 434 28.23 -28.00 -11.79
CA LEU D 434 27.08 -27.82 -12.67
C LEU D 434 26.98 -26.42 -13.27
N CYS D 435 27.85 -25.49 -12.89
CA CYS D 435 27.77 -24.11 -13.41
C CYS D 435 28.78 -23.92 -14.52
N SER D 436 28.48 -24.36 -15.74
CA SER D 436 29.32 -24.26 -16.92
C SER D 436 28.96 -23.02 -17.72
N ALA D 437 29.61 -22.85 -18.87
CA ALA D 437 29.37 -21.68 -19.70
C ALA D 437 27.95 -21.66 -20.25
N LEU D 438 27.47 -22.80 -20.75
CA LEU D 438 26.13 -22.86 -21.31
C LEU D 438 25.07 -22.59 -20.25
N GLU D 439 25.26 -23.12 -19.04
CA GLU D 439 24.33 -22.86 -17.96
C GLU D 439 24.27 -21.38 -17.61
N ILE D 440 25.43 -20.73 -17.54
CA ILE D 440 25.47 -19.30 -17.22
C ILE D 440 24.79 -18.50 -18.32
N GLY D 441 25.04 -18.86 -19.58
CA GLY D 441 24.35 -18.17 -20.67
C GLY D 441 22.85 -18.34 -20.63
N GLU D 442 22.39 -19.56 -20.33
CA GLU D 442 20.95 -19.81 -20.24
C GLU D 442 20.34 -19.01 -19.10
N VAL D 443 21.02 -18.94 -17.95
CA VAL D 443 20.51 -18.17 -16.82
C VAL D 443 20.48 -16.68 -17.14
N LEU D 444 21.51 -16.19 -17.84
CA LEU D 444 21.51 -14.79 -18.26
C LEU D 444 20.34 -14.50 -19.19
N ARG D 445 20.08 -15.39 -20.15
CA ARG D 445 18.96 -15.20 -21.05
C ARG D 445 17.64 -15.20 -20.29
N GLY D 446 17.48 -16.13 -19.33
CA GLY D 446 16.27 -16.17 -18.55
C GLY D 446 16.07 -14.93 -17.71
N LEU D 447 17.15 -14.42 -17.11
CA LEU D 447 17.06 -13.18 -16.34
C LEU D 447 16.69 -12.01 -17.24
N ALA D 448 17.26 -11.95 -18.44
CA ALA D 448 16.93 -10.87 -19.36
C ALA D 448 15.47 -10.94 -19.79
N LEU D 449 14.96 -12.14 -20.07
CA LEU D 449 13.58 -12.30 -20.49
C LEU D 449 12.61 -12.47 -19.33
N GLY D 450 13.11 -12.62 -18.11
CA GLY D 450 12.23 -12.72 -16.95
C GLY D 450 11.51 -14.03 -16.78
N THR D 451 11.92 -15.08 -17.50
CA THR D 451 11.25 -16.37 -17.41
C THR D 451 11.74 -17.13 -16.18
N GLU D 452 11.38 -18.41 -16.09
CA GLU D 452 11.73 -19.21 -14.91
C GLU D 452 13.21 -19.55 -14.83
N SER D 453 13.95 -19.37 -15.92
CA SER D 453 15.38 -19.72 -15.91
C SER D 453 16.15 -18.87 -14.92
N GLY D 454 15.85 -17.58 -14.85
CA GLY D 454 16.54 -16.70 -13.92
C GLY D 454 16.11 -16.79 -12.48
N LEU D 455 15.02 -17.51 -12.21
CA LEU D 455 14.54 -17.64 -10.83
C LEU D 455 15.53 -18.42 -9.98
N PHE D 456 15.97 -19.59 -10.45
CA PHE D 456 16.91 -20.42 -9.71
C PHE D 456 17.90 -21.04 -10.67
N SER D 457 19.10 -21.31 -10.17
CA SER D 457 20.14 -21.97 -10.94
C SER D 457 21.10 -22.64 -9.96
N PRO D 458 21.76 -23.73 -10.36
CA PRO D 458 22.80 -24.31 -9.49
C PRO D 458 24.11 -23.55 -9.57
N CYS D 459 23.98 -22.22 -9.55
CA CYS D 459 25.20 -21.37 -9.56
C CYS D 459 25.23 -20.47 -8.31
N TYR D 460 24.09 -20.06 -7.75
CA TYR D 460 24.08 -19.15 -6.62
C TYR D 460 24.70 -19.79 -5.39
N LEU D 461 24.57 -21.10 -5.24
CA LEU D 461 25.16 -21.84 -4.13
C LEU D 461 26.52 -22.43 -4.47
N SER D 462 27.03 -22.18 -5.68
CA SER D 462 28.32 -22.71 -6.07
C SER D 462 29.45 -21.94 -5.38
N LEU D 463 30.60 -22.60 -5.30
CA LEU D 463 31.79 -22.02 -4.69
C LEU D 463 32.69 -21.30 -5.70
N ARG D 464 32.11 -20.83 -6.80
CA ARG D 464 32.87 -20.14 -7.85
C ARG D 464 32.83 -18.64 -7.56
N PHE D 465 33.93 -18.11 -7.04
CA PHE D 465 34.03 -16.69 -6.70
C PHE D 465 34.68 -15.86 -7.81
N ASP D 466 35.01 -16.46 -8.94
CA ASP D 466 35.70 -15.77 -10.02
C ASP D 466 34.78 -15.17 -11.05
N LEU D 467 33.46 -15.26 -10.86
CA LEU D 467 32.49 -14.76 -11.84
C LEU D 467 32.35 -13.25 -11.65
N THR D 468 33.11 -12.49 -12.43
CA THR D 468 33.04 -11.03 -12.42
C THR D 468 32.15 -10.55 -13.55
N ARG D 469 31.89 -9.23 -13.56
CA ARG D 469 31.00 -8.67 -14.56
C ARG D 469 31.59 -8.77 -15.97
N ASP D 470 32.90 -8.57 -16.10
CA ASP D 470 33.52 -8.66 -17.43
C ASP D 470 33.46 -10.09 -17.96
N LYS D 471 33.75 -11.08 -17.10
CA LYS D 471 33.69 -12.46 -17.54
C LYS D 471 32.28 -12.85 -17.97
N LEU D 472 31.27 -12.45 -17.18
CA LEU D 472 29.89 -12.77 -17.53
C LEU D 472 29.47 -12.07 -18.83
N LEU D 473 29.88 -10.82 -19.01
CA LEU D 473 29.56 -10.11 -20.23
C LEU D 473 30.25 -10.73 -21.44
N SER D 474 31.42 -11.34 -21.24
CA SER D 474 32.13 -12.00 -22.33
C SER D 474 31.43 -13.25 -22.83
N MET D 475 30.41 -13.74 -22.13
CA MET D 475 29.71 -14.98 -22.46
C MET D 475 28.20 -14.75 -22.51
N ALA D 476 27.79 -13.67 -23.17
CA ALA D 476 26.38 -13.39 -23.34
C ALA D 476 25.76 -14.43 -24.26
N PRO D 477 24.46 -14.72 -24.10
CA PRO D 477 23.82 -15.73 -24.95
C PRO D 477 23.87 -15.33 -26.43
N GLN D 478 24.11 -16.33 -27.27
CA GLN D 478 24.16 -16.12 -28.73
C GLN D 478 22.82 -16.40 -29.38
N GLU D 479 21.76 -15.77 -28.88
CA GLU D 479 20.40 -15.91 -29.41
C GLU D 479 19.88 -14.50 -29.68
N ALA D 480 20.18 -13.97 -30.86
CA ALA D 480 19.83 -12.62 -31.26
C ALA D 480 20.36 -11.57 -30.29
N THR D 481 21.42 -11.90 -29.56
CA THR D 481 22.02 -11.01 -28.57
C THR D 481 21.01 -10.53 -27.53
N LEU D 482 19.99 -11.36 -27.27
CA LEU D 482 18.89 -11.03 -26.35
C LEU D 482 18.29 -9.71 -26.84
N ASP D 483 18.08 -8.72 -25.97
CA ASP D 483 17.60 -7.42 -26.38
C ASP D 483 18.73 -6.44 -26.66
N GLN D 484 19.98 -6.84 -26.46
CA GLN D 484 21.20 -6.06 -26.67
C GLN D 484 21.32 -4.89 -25.71
N ALA D 485 20.35 -4.68 -24.82
CA ALA D 485 20.43 -3.61 -23.83
C ALA D 485 20.09 -4.16 -22.45
N ALA D 486 19.31 -5.24 -22.42
CA ALA D 486 18.99 -5.90 -21.16
C ALA D 486 20.09 -6.81 -20.67
N VAL D 487 21.15 -7.01 -21.46
CA VAL D 487 22.27 -7.83 -21.02
C VAL D 487 22.96 -7.17 -19.82
N SER D 488 23.06 -5.84 -19.83
CA SER D 488 23.64 -5.14 -18.70
C SER D 488 22.81 -5.34 -17.44
N ASN D 489 21.48 -5.25 -17.56
CA ASN D 489 20.62 -5.47 -16.41
C ASN D 489 20.73 -6.91 -15.90
N ALA D 490 20.80 -7.87 -16.81
CA ALA D 490 20.97 -9.27 -16.40
C ALA D 490 22.29 -9.48 -15.68
N VAL D 491 23.37 -8.89 -16.18
CA VAL D 491 24.66 -9.02 -15.54
C VAL D 491 24.65 -8.37 -14.16
N ASP D 492 24.00 -7.20 -14.05
CA ASP D 492 23.90 -6.53 -12.75
C ASP D 492 23.11 -7.37 -11.76
N GLY D 493 22.02 -7.98 -12.21
CA GLY D 493 21.25 -8.86 -11.33
C GLY D 493 22.04 -10.09 -10.91
N PHE D 494 22.79 -10.69 -11.83
CA PHE D 494 23.62 -11.83 -11.50
C PHE D 494 24.69 -11.45 -10.48
N LEU D 495 25.32 -10.28 -10.66
CA LEU D 495 26.31 -9.81 -9.70
C LEU D 495 25.68 -9.55 -8.34
N GLY D 496 24.49 -8.97 -8.31
CA GLY D 496 23.81 -8.73 -7.05
C GLY D 496 23.46 -10.01 -6.33
N ARG D 497 23.01 -11.03 -7.07
CA ARG D 497 22.76 -12.33 -6.47
C ARG D 497 24.04 -13.02 -6.04
N LEU D 498 25.19 -12.65 -6.62
CA LEU D 498 26.47 -13.25 -6.29
C LEU D 498 27.37 -12.31 -5.50
N SER D 499 26.79 -11.34 -4.81
CA SER D 499 27.58 -10.42 -3.99
C SER D 499 28.18 -11.16 -2.80
N LEU D 500 29.49 -11.01 -2.62
CA LEU D 500 30.17 -11.73 -1.54
C LEU D 500 29.86 -11.14 -0.18
N GLU D 501 29.87 -9.81 -0.08
CA GLU D 501 29.63 -9.17 1.22
C GLU D 501 28.23 -9.44 1.73
N ARG D 502 27.23 -9.33 0.86
CA ARG D 502 25.84 -9.54 1.22
C ARG D 502 25.41 -10.96 0.88
N GLU D 503 24.12 -11.24 1.04
CA GLU D 503 23.46 -12.50 0.73
C GLU D 503 23.91 -13.65 1.63
N ASP D 504 24.83 -13.42 2.55
CA ASP D 504 25.32 -14.46 3.48
C ASP D 504 25.79 -15.70 2.73
N ARG D 505 26.52 -15.49 1.63
CA ARG D 505 27.09 -16.58 0.84
C ARG D 505 28.61 -16.49 0.95
N ASP D 506 29.16 -17.10 1.99
CA ASP D 506 30.60 -17.14 2.18
C ASP D 506 30.95 -18.49 2.84
N ALA D 507 32.24 -18.70 3.08
CA ALA D 507 32.76 -19.98 3.54
C ALA D 507 33.00 -20.01 5.05
N TRP D 508 32.16 -19.32 5.82
CA TRP D 508 32.30 -19.39 7.28
C TRP D 508 32.07 -20.81 7.78
N HIS D 509 31.11 -21.52 7.18
CA HIS D 509 30.83 -22.90 7.56
C HIS D 509 31.90 -23.87 7.07
N LEU D 510 32.66 -23.50 6.05
CA LEU D 510 33.65 -24.39 5.48
C LEU D 510 34.90 -24.40 6.34
N PRO D 511 35.34 -25.56 6.82
CA PRO D 511 36.63 -25.64 7.51
C PRO D 511 37.78 -25.33 6.55
N ALA D 512 38.93 -25.01 7.14
CA ALA D 512 40.13 -24.61 6.39
C ALA D 512 39.88 -23.36 5.54
N TYR D 513 39.00 -22.48 6.01
CA TYR D 513 38.79 -21.18 5.38
C TYR D 513 39.54 -20.07 6.08
N LYS D 514 39.99 -20.28 7.32
CA LYS D 514 40.72 -19.26 8.06
C LYS D 514 42.16 -19.08 7.56
N CYS D 515 42.54 -20.01 6.65
CA CYS D 515 43.92 -20.02 6.11
C CYS D 515 43.94 -19.49 4.70
N VAL D 516 43.36 -18.33 4.46
CA VAL D 516 43.46 -17.65 3.19
C VAL D 516 43.99 -16.23 3.34
N ASP D 517 43.49 -15.49 4.34
CA ASP D 517 43.92 -14.14 4.70
C ASP D 517 43.57 -13.10 3.65
N ARG D 518 42.97 -13.49 2.52
CA ARG D 518 42.57 -12.55 1.48
C ARG D 518 41.33 -13.12 0.80
N LEU D 519 40.15 -12.67 1.28
CA LEU D 519 38.90 -13.24 0.79
C LEU D 519 38.56 -12.83 -0.63
N ASP D 520 39.14 -11.73 -1.12
CA ASP D 520 38.83 -11.23 -2.45
C ASP D 520 39.77 -11.73 -3.54
N LYS D 521 40.82 -12.45 -3.18
CA LYS D 521 41.81 -12.91 -4.15
C LYS D 521 41.65 -14.38 -4.52
N VAL D 522 40.65 -15.06 -3.98
CA VAL D 522 40.44 -16.46 -4.31
C VAL D 522 39.61 -16.57 -5.59
N LEU D 523 39.78 -17.70 -6.28
CA LEU D 523 39.01 -18.00 -7.48
C LEU D 523 37.91 -19.02 -7.22
N MET D 524 38.25 -20.17 -6.66
CA MET D 524 37.26 -21.16 -6.25
C MET D 524 37.89 -22.07 -5.21
N ILE D 525 37.03 -22.75 -4.45
CA ILE D 525 37.45 -23.68 -3.41
C ILE D 525 36.87 -25.05 -3.74
N ILE D 526 37.72 -26.07 -3.70
CA ILE D 526 37.30 -27.43 -4.07
C ILE D 526 37.41 -28.32 -2.85
N PRO D 527 36.33 -28.52 -2.08
CA PRO D 527 36.37 -29.37 -0.88
C PRO D 527 36.22 -30.86 -1.17
N LEU D 528 37.35 -31.49 -1.51
CA LEU D 528 37.38 -32.93 -1.73
C LEU D 528 37.36 -33.64 -0.38
N ILE D 529 37.49 -34.96 -0.39
CA ILE D 529 37.52 -35.76 0.83
C ILE D 529 38.94 -35.80 1.35
N ASN D 530 39.12 -35.45 2.62
CA ASN D 530 40.39 -35.42 3.36
C ASN D 530 41.32 -34.33 2.88
N VAL D 531 40.93 -33.51 1.91
CA VAL D 531 41.77 -32.43 1.40
C VAL D 531 40.88 -31.45 0.65
N THR D 532 41.15 -30.16 0.85
CA THR D 532 40.46 -29.09 0.14
C THR D 532 41.48 -28.22 -0.58
N PHE D 533 41.16 -27.85 -1.81
CA PHE D 533 42.05 -27.05 -2.65
C PHE D 533 41.53 -25.62 -2.73
N ILE D 534 42.43 -24.66 -2.56
CA ILE D 534 42.11 -23.24 -2.68
C ILE D 534 42.88 -22.70 -3.88
N ILE D 535 42.14 -22.13 -4.83
CA ILE D 535 42.73 -21.58 -6.05
C ILE D 535 42.69 -20.06 -5.95
N SER D 536 43.86 -19.44 -6.03
CA SER D 536 43.96 -17.98 -5.89
C SER D 536 45.15 -17.50 -6.69
N SER D 537 45.18 -16.20 -6.96
CA SER D 537 46.23 -15.57 -7.75
C SER D 537 47.37 -15.03 -6.89
N ASP D 538 47.33 -15.24 -5.57
CA ASP D 538 48.35 -14.73 -4.67
C ASP D 538 48.92 -15.86 -3.84
N ARG D 539 50.20 -15.71 -3.47
CA ARG D 539 50.90 -16.73 -2.69
C ARG D 539 50.54 -16.69 -1.21
N GLU D 540 49.93 -15.61 -0.73
CA GLU D 540 49.67 -15.43 0.71
C GLU D 540 48.50 -16.31 1.15
N VAL D 541 48.74 -17.62 1.09
CA VAL D 541 47.79 -18.62 1.56
C VAL D 541 48.55 -19.70 2.30
N ARG D 542 47.98 -20.17 3.41
CA ARG D 542 48.59 -21.21 4.23
C ARG D 542 48.01 -22.57 3.86
N GLY D 543 48.88 -23.52 3.60
CA GLY D 543 48.45 -24.86 3.24
C GLY D 543 49.58 -25.85 3.40
N SER D 544 49.29 -27.11 3.06
CA SER D 544 50.30 -28.16 3.20
C SER D 544 51.37 -28.07 2.14
N ALA D 545 51.04 -27.52 0.97
CA ALA D 545 52.00 -27.40 -0.13
C ALA D 545 51.53 -26.28 -1.05
N LEU D 546 52.33 -26.02 -2.08
CA LEU D 546 52.02 -25.00 -3.07
C LEU D 546 52.29 -25.54 -4.46
N TYR D 547 51.41 -25.20 -5.40
CA TYR D 547 51.56 -25.60 -6.79
C TYR D 547 51.24 -24.42 -7.69
N GLU D 548 52.10 -24.15 -8.66
CA GLU D 548 51.94 -23.05 -9.60
C GLU D 548 51.71 -23.63 -10.99
N ALA D 549 50.59 -23.25 -11.60
CA ALA D 549 50.29 -23.73 -12.95
C ALA D 549 51.21 -23.08 -13.97
N SER D 550 51.38 -23.76 -15.10
CA SER D 550 52.22 -23.24 -16.18
C SER D 550 51.47 -22.25 -17.04
N THR D 551 50.90 -21.23 -16.41
CA THR D 551 50.16 -20.21 -17.13
C THR D 551 51.10 -19.20 -17.76
N THR D 552 50.56 -18.39 -18.67
CA THR D 552 51.34 -17.35 -19.32
C THR D 552 51.64 -16.22 -18.34
N TYR D 553 52.69 -15.47 -18.65
CA TYR D 553 53.13 -14.39 -17.77
C TYR D 553 52.05 -13.30 -17.66
N LEU D 554 51.41 -12.95 -18.77
CA LEU D 554 50.42 -11.88 -18.78
C LEU D 554 49.04 -12.42 -18.43
N SER D 555 48.94 -12.98 -17.23
CA SER D 555 47.69 -13.54 -16.71
C SER D 555 47.86 -13.77 -15.21
N SER D 556 46.82 -14.30 -14.58
CA SER D 556 46.87 -14.61 -13.17
C SER D 556 47.77 -15.82 -12.91
N SER D 557 48.28 -15.91 -11.69
CA SER D 557 49.17 -17.00 -11.33
C SER D 557 48.42 -18.33 -11.21
N LEU D 558 47.21 -18.29 -10.67
CA LEU D 558 46.37 -19.48 -10.48
C LEU D 558 47.08 -20.52 -9.62
N PHE D 559 47.37 -20.12 -8.38
CA PHE D 559 48.02 -21.01 -7.43
C PHE D 559 47.05 -22.09 -6.95
N LEU D 560 47.61 -23.19 -6.48
CA LEU D 560 46.84 -24.30 -5.91
C LEU D 560 47.48 -24.70 -4.59
N SER D 561 46.70 -24.65 -3.52
CA SER D 561 47.18 -24.97 -2.18
C SER D 561 46.41 -26.17 -1.62
N PRO D 562 46.99 -27.37 -1.63
CA PRO D 562 46.29 -28.57 -1.12
C PRO D 562 46.34 -28.71 0.39
N VAL D 563 45.39 -28.05 1.07
CA VAL D 563 45.27 -28.15 2.52
C VAL D 563 44.88 -29.58 2.88
N ILE D 564 45.77 -30.30 3.55
CA ILE D 564 45.59 -31.71 3.86
C ILE D 564 44.87 -31.84 5.20
N MET D 565 43.79 -32.61 5.22
CA MET D 565 43.00 -32.90 6.41
C MET D 565 42.41 -31.64 7.04
N ASN D 566 42.27 -30.57 6.26
CA ASN D 566 41.70 -29.30 6.72
C ASN D 566 42.45 -28.77 7.94
N LYS D 567 43.76 -28.94 7.95
CA LYS D 567 44.64 -28.45 9.01
C LYS D 567 45.50 -27.35 8.41
N CYS D 568 45.02 -26.11 8.57
CA CYS D 568 45.74 -24.97 7.97
C CYS D 568 47.17 -24.95 8.52
N SER D 569 48.11 -24.41 7.76
CA SER D 569 49.54 -24.40 8.18
C SER D 569 49.80 -23.17 9.04
N GLN D 570 50.95 -23.14 9.70
CA GLN D 570 51.30 -21.97 10.50
C GLN D 570 51.71 -20.78 9.63
N GLY D 571 52.05 -21.00 8.37
CA GLY D 571 52.43 -19.92 7.49
C GLY D 571 52.50 -20.42 6.06
N ALA D 572 52.56 -19.46 5.14
CA ALA D 572 52.65 -19.78 3.73
C ALA D 572 53.98 -20.46 3.42
N VAL D 573 53.94 -21.46 2.53
CA VAL D 573 55.13 -22.21 2.16
C VAL D 573 56.00 -21.29 1.30
N ALA D 574 57.17 -20.93 1.82
CA ALA D 574 58.08 -20.03 1.11
C ALA D 574 58.86 -20.82 0.05
N GLY D 575 59.82 -20.16 -0.59
CA GLY D 575 60.61 -20.80 -1.62
C GLY D 575 59.88 -20.86 -2.95
N GLU D 576 60.56 -21.47 -3.91
CA GLU D 576 59.98 -21.59 -5.25
C GLU D 576 58.89 -22.65 -5.25
N PRO D 577 57.68 -22.33 -5.73
CA PRO D 577 56.63 -23.33 -5.79
C PRO D 577 56.96 -24.44 -6.77
N ARG D 578 56.42 -25.63 -6.50
CA ARG D 578 56.68 -26.79 -7.34
C ARG D 578 56.05 -26.62 -8.70
N GLN D 579 56.33 -27.56 -9.59
CA GLN D 579 55.77 -27.58 -10.95
C GLN D 579 54.98 -28.87 -11.13
N ILE D 580 53.83 -28.75 -11.77
CA ILE D 580 52.91 -29.87 -11.93
C ILE D 580 53.49 -30.89 -12.90
N PRO D 581 53.63 -32.15 -12.49
CA PRO D 581 54.11 -33.19 -13.42
C PRO D 581 53.07 -33.51 -14.48
N LYS D 582 53.55 -34.02 -15.61
CA LYS D 582 52.73 -34.37 -16.75
C LYS D 582 52.86 -35.85 -17.06
N ILE D 583 51.75 -36.49 -17.40
CA ILE D 583 51.71 -37.90 -17.75
C ILE D 583 51.63 -37.98 -19.27
N GLN D 584 52.68 -38.52 -19.90
CA GLN D 584 52.73 -38.57 -21.36
C GLN D 584 51.85 -39.68 -21.93
N ASN D 585 51.72 -40.80 -21.23
CA ASN D 585 51.00 -41.96 -21.72
C ASN D 585 49.67 -42.08 -20.99
N PHE D 586 48.60 -42.31 -21.74
CA PHE D 586 47.26 -42.47 -21.16
C PHE D 586 46.39 -43.23 -22.16
N THR D 587 46.00 -44.46 -21.79
CA THR D 587 45.10 -45.26 -22.61
C THR D 587 43.67 -44.98 -22.13
N ARG D 588 42.85 -44.41 -23.00
CA ARG D 588 41.51 -43.97 -22.61
C ARG D 588 40.51 -45.11 -22.67
N THR D 589 40.80 -46.23 -22.01
CA THR D 589 39.83 -47.31 -21.85
C THR D 589 39.44 -47.48 -20.39
N GLN D 590 40.41 -47.77 -19.52
CA GLN D 590 40.25 -47.75 -18.06
C GLN D 590 38.96 -48.45 -17.62
N LYS D 591 38.92 -49.77 -17.88
CA LYS D 591 37.75 -50.55 -17.51
C LYS D 591 37.50 -50.51 -16.01
N SER D 592 38.57 -50.58 -15.21
CA SER D 592 38.43 -50.45 -13.76
C SER D 592 38.01 -49.03 -13.39
N CYS D 593 37.29 -48.93 -12.28
CA CYS D 593 36.76 -47.64 -11.82
C CYS D 593 37.89 -46.85 -11.17
N ILE D 594 38.51 -45.98 -11.96
CA ILE D 594 39.58 -45.11 -11.48
C ILE D 594 39.06 -43.69 -11.42
N PHE D 595 39.78 -42.84 -10.69
CA PHE D 595 39.45 -41.42 -10.50
C PHE D 595 38.10 -41.23 -9.82
N CYS D 596 37.59 -42.28 -9.16
CA CYS D 596 36.30 -42.20 -8.47
C CYS D 596 36.51 -41.46 -7.15
N GLY D 597 36.52 -40.13 -7.23
CA GLY D 597 36.77 -39.29 -6.08
C GLY D 597 37.60 -38.08 -6.43
N PHE D 598 38.22 -38.10 -7.61
CA PHE D 598 39.03 -36.98 -8.06
C PHE D 598 38.14 -35.84 -8.54
N ALA D 599 38.77 -34.77 -9.03
CA ALA D 599 38.05 -33.62 -9.57
C ALA D 599 38.90 -33.03 -10.69
N LEU D 600 38.61 -33.43 -11.92
CA LEU D 600 39.33 -32.91 -13.07
C LEU D 600 38.95 -31.45 -13.30
N LEU D 601 39.95 -30.63 -13.60
CA LEU D 601 39.76 -29.20 -13.78
C LEU D 601 40.44 -28.76 -15.07
N SER D 602 39.73 -27.95 -15.85
CA SER D 602 40.23 -27.41 -17.11
C SER D 602 40.30 -25.89 -17.00
N TYR D 603 41.46 -25.33 -17.34
CA TYR D 603 41.67 -23.90 -17.28
C TYR D 603 42.38 -23.44 -18.55
N ASP D 604 42.18 -22.17 -18.89
CA ASP D 604 42.81 -21.55 -20.05
C ASP D 604 44.02 -20.73 -19.61
N GLU D 605 45.02 -20.67 -20.49
CA GLU D 605 46.24 -19.94 -20.17
C GLU D 605 45.96 -18.45 -19.96
N LYS D 606 45.10 -17.87 -20.80
CA LYS D 606 44.78 -16.46 -20.72
C LYS D 606 43.41 -16.19 -20.11
N GLU D 607 42.38 -16.91 -20.56
CA GLU D 607 41.03 -16.69 -20.03
C GLU D 607 40.94 -17.07 -18.56
N GLY D 608 41.56 -18.17 -18.18
CA GLY D 608 41.51 -18.62 -16.79
C GLY D 608 40.73 -19.90 -16.61
N LEU D 609 40.03 -20.03 -15.48
CA LEU D 609 39.26 -21.22 -15.20
C LEU D 609 38.08 -21.33 -16.17
N GLU D 610 37.89 -22.52 -16.72
CA GLU D 610 36.84 -22.76 -17.72
C GLU D 610 35.76 -23.70 -17.22
N THR D 611 36.12 -24.92 -16.81
CA THR D 611 35.14 -25.92 -16.42
C THR D 611 35.71 -26.78 -15.30
N THR D 612 34.80 -27.44 -14.58
CA THR D 612 35.15 -28.37 -13.53
C THR D 612 34.22 -29.57 -13.61
N THR D 613 34.74 -30.74 -13.21
CA THR D 613 33.97 -31.98 -13.27
C THR D 613 34.36 -32.85 -12.08
N TYR D 614 33.42 -33.03 -11.15
CA TYR D 614 33.62 -33.93 -10.02
C TYR D 614 33.26 -35.35 -10.47
N ILE D 615 34.26 -36.23 -10.49
CA ILE D 615 34.06 -37.60 -10.95
C ILE D 615 33.50 -38.41 -9.80
N THR D 616 32.21 -38.78 -9.90
CA THR D 616 31.53 -39.50 -8.83
C THR D 616 31.25 -40.96 -9.14
N SER D 617 31.32 -41.38 -10.40
CA SER D 617 31.01 -42.75 -10.77
C SER D 617 31.71 -43.08 -12.08
N GLN D 618 31.65 -44.36 -12.44
CA GLN D 618 32.27 -44.81 -13.69
C GLN D 618 31.60 -44.20 -14.91
N GLU D 619 30.30 -43.88 -14.81
CA GLU D 619 29.60 -43.27 -15.92
C GLU D 619 30.19 -41.89 -16.24
N VAL D 620 30.47 -41.11 -15.21
CA VAL D 620 31.07 -39.78 -15.43
C VAL D 620 32.44 -39.91 -16.08
N GLN D 621 33.24 -40.85 -15.60
CA GLN D 621 34.57 -41.07 -16.18
C GLN D 621 34.47 -41.50 -17.64
N ASN D 622 33.53 -42.39 -17.94
CA ASN D 622 33.35 -42.84 -19.32
C ASN D 622 32.91 -41.68 -20.21
N SER D 623 32.00 -40.84 -19.73
CA SER D 623 31.58 -39.68 -20.51
C SER D 623 32.74 -38.71 -20.71
N ILE D 624 33.60 -38.56 -19.69
CA ILE D 624 34.74 -37.65 -19.80
C ILE D 624 35.72 -38.16 -20.85
N LEU D 625 36.03 -39.46 -20.80
CA LEU D 625 37.05 -40.00 -21.69
C LEU D 625 36.55 -40.13 -23.12
N SER D 626 35.31 -40.61 -23.29
CA SER D 626 34.80 -40.90 -24.63
C SER D 626 34.62 -39.63 -25.47
N SER D 627 34.16 -38.55 -24.84
CA SER D 627 33.85 -37.33 -25.57
C SER D 627 35.13 -36.64 -26.04
N ASN D 628 34.95 -35.51 -26.71
CA ASN D 628 36.04 -34.70 -27.23
C ASN D 628 36.58 -33.70 -26.19
N TYR D 629 36.39 -34.00 -24.91
CA TYR D 629 36.86 -33.09 -23.86
C TYR D 629 38.36 -32.85 -23.95
N PHE D 630 39.13 -33.92 -24.12
CA PHE D 630 40.59 -33.81 -24.19
C PHE D 630 40.99 -33.37 -25.60
N ASP D 631 40.84 -32.09 -25.86
CA ASP D 631 41.21 -31.48 -27.14
C ASP D 631 42.59 -30.87 -26.98
N PHE D 632 43.62 -31.60 -27.39
CA PHE D 632 44.99 -31.15 -27.29
C PHE D 632 45.44 -30.31 -28.48
N ASP D 633 44.58 -30.15 -29.50
CA ASP D 633 44.96 -29.36 -30.66
C ASP D 633 45.21 -27.90 -30.29
N ASN D 634 44.36 -27.34 -29.45
CA ASN D 634 44.53 -25.97 -28.98
C ASN D 634 45.56 -25.95 -27.87
N LEU D 635 46.63 -25.16 -28.05
CA LEU D 635 47.66 -25.02 -27.03
C LEU D 635 47.35 -23.88 -26.07
N HIS D 636 46.13 -23.89 -25.54
CA HIS D 636 45.73 -22.93 -24.53
C HIS D 636 44.84 -23.52 -23.45
N VAL D 637 44.57 -24.83 -23.49
CA VAL D 637 43.71 -25.50 -22.51
C VAL D 637 44.52 -26.61 -21.86
N HIS D 638 44.56 -26.63 -20.54
CA HIS D 638 45.28 -27.64 -19.79
C HIS D 638 44.34 -28.26 -18.76
N TYR D 639 44.46 -29.57 -18.59
CA TYR D 639 43.60 -30.33 -17.70
C TYR D 639 44.39 -30.79 -16.48
N LEU D 640 43.90 -30.45 -15.30
CA LEU D 640 44.57 -30.79 -14.04
C LEU D 640 43.75 -31.84 -13.31
N LEU D 641 44.41 -32.91 -12.89
CA LEU D 641 43.77 -34.00 -12.16
C LEU D 641 44.14 -33.85 -10.69
N LEU D 642 43.32 -33.10 -9.95
CA LEU D 642 43.56 -32.88 -8.53
C LEU D 642 43.25 -34.12 -7.73
N THR D 643 44.26 -34.94 -7.46
CA THR D 643 44.07 -36.19 -6.74
C THR D 643 43.68 -35.93 -5.29
N THR D 644 42.90 -36.86 -4.74
CA THR D 644 42.53 -36.79 -3.33
C THR D 644 43.72 -37.08 -2.41
N ASN D 645 44.84 -37.56 -2.95
CA ASN D 645 46.03 -37.79 -2.16
C ASN D 645 46.72 -36.50 -1.74
N GLY D 646 46.34 -35.36 -2.30
CA GLY D 646 46.94 -34.09 -1.97
C GLY D 646 47.94 -33.57 -2.98
N THR D 647 48.15 -34.28 -4.10
CA THR D 647 49.07 -33.85 -5.12
C THR D 647 48.32 -33.60 -6.43
N VAL D 648 48.81 -32.64 -7.20
CA VAL D 648 48.21 -32.25 -8.47
C VAL D 648 49.04 -32.83 -9.61
N MET D 649 48.38 -33.56 -10.51
CA MET D 649 49.02 -34.19 -11.64
C MET D 649 48.34 -33.74 -12.92
N GLU D 650 49.15 -33.32 -13.90
CA GLU D 650 48.63 -32.83 -15.17
C GLU D 650 48.67 -33.94 -16.22
N ILE D 651 47.75 -33.87 -17.18
CA ILE D 651 47.66 -34.84 -18.27
C ILE D 651 48.23 -34.19 -19.51
N ALA D 652 49.23 -34.83 -20.11
CA ALA D 652 49.87 -34.28 -21.30
C ALA D 652 49.09 -34.62 -22.56
N GLY D 653 48.87 -35.91 -22.81
CA GLY D 653 48.13 -36.34 -23.98
C GLY D 653 47.83 -37.81 -23.94
N LEU D 654 46.80 -38.20 -24.68
CA LEU D 654 46.39 -39.59 -24.79
C LEU D 654 47.09 -40.24 -25.98
N TYR D 655 46.68 -41.46 -26.32
CA TYR D 655 47.25 -42.18 -27.45
C TYR D 655 46.71 -41.64 -28.78
N PRO E 1 -48.75 11.49 8.20
CA PRO E 1 -48.18 12.57 9.01
C PRO E 1 -46.67 12.67 8.88
N CYS E 2 -46.21 13.26 7.77
CA CYS E 2 -44.78 13.41 7.54
C CYS E 2 -44.19 14.44 8.50
N CYS E 3 -43.08 14.07 9.13
CA CYS E 3 -42.43 15.02 10.04
C CYS E 3 -41.25 15.65 9.32
N HIS E 4 -41.04 16.94 9.55
CA HIS E 4 -39.95 17.67 8.93
C HIS E 4 -38.72 17.72 9.83
N VAL E 5 -38.85 18.30 11.02
CA VAL E 5 -37.74 18.42 11.97
C VAL E 5 -38.26 18.11 13.36
N THR E 6 -37.59 17.20 14.06
CA THR E 6 -37.93 16.88 15.45
C THR E 6 -36.73 16.22 16.09
N GLN E 7 -36.18 16.85 17.13
CA GLN E 7 -35.01 16.33 17.82
C GLN E 7 -34.94 16.83 19.25
N LEU E 14 -33.73 7.34 21.82
CA LEU E 14 -34.53 6.39 22.60
C LEU E 14 -34.01 4.98 22.44
N ALA E 15 -33.72 4.32 23.57
CA ALA E 15 -33.19 2.97 23.54
C ALA E 15 -34.29 1.98 23.15
N LEU E 16 -33.86 0.77 22.79
CA LEU E 16 -34.78 -0.28 22.39
C LEU E 16 -35.71 -0.69 23.53
N GLU E 17 -35.31 -0.44 24.78
CA GLU E 17 -36.14 -0.84 25.92
C GLU E 17 -37.46 -0.06 25.94
N ASN E 18 -37.42 1.23 25.62
CA ASN E 18 -38.57 2.10 25.78
C ASN E 18 -39.40 2.25 24.52
N ILE E 19 -39.07 1.52 23.46
CA ILE E 19 -39.86 1.54 22.22
C ILE E 19 -40.38 0.14 21.96
N SER E 20 -41.61 0.05 21.46
CA SER E 20 -42.23 -1.24 21.18
C SER E 20 -43.03 -1.25 19.88
N ASP E 21 -43.00 -0.18 19.10
CA ASP E 21 -43.73 -0.14 17.84
C ASP E 21 -42.97 0.74 16.86
N ILE E 22 -43.12 0.43 15.57
CA ILE E 22 -42.45 1.17 14.51
C ILE E 22 -43.19 0.99 13.20
N TYR E 23 -43.42 2.10 12.49
CA TYR E 23 -44.13 2.09 11.21
C TYR E 23 -43.18 2.47 10.09
N LEU E 24 -43.35 1.83 8.94
CA LEU E 24 -42.57 2.12 7.75
C LEU E 24 -43.51 2.32 6.58
N VAL E 25 -43.27 3.36 5.77
CA VAL E 25 -44.12 3.70 4.64
C VAL E 25 -43.24 3.89 3.42
N SER E 26 -43.86 3.72 2.25
CA SER E 26 -43.17 3.89 0.98
C SER E 26 -43.02 5.36 0.64
N ASN E 27 -42.23 5.63 -0.41
CA ASN E 27 -41.97 7.01 -0.81
C ASN E 27 -43.25 7.69 -1.28
N GLN E 28 -44.08 6.99 -2.05
CA GLN E 28 -45.32 7.57 -2.54
C GLN E 28 -46.28 7.91 -1.40
N THR E 29 -46.37 7.02 -0.40
CA THR E 29 -47.25 7.27 0.74
C THR E 29 -46.79 8.51 1.52
N CYS E 30 -45.48 8.66 1.71
CA CYS E 30 -44.94 9.83 2.38
C CYS E 30 -44.86 11.01 1.41
N ASP E 31 -44.38 12.14 1.90
CA ASP E 31 -44.22 13.34 1.06
C ASP E 31 -42.93 13.26 0.26
N GLY E 32 -42.81 12.18 -0.51
CA GLY E 32 -41.62 11.94 -1.30
C GLY E 32 -40.41 11.51 -0.51
N PHE E 33 -40.58 11.19 0.76
CA PHE E 33 -39.47 10.82 1.64
C PHE E 33 -39.61 9.36 2.07
N SER E 34 -38.67 8.93 2.91
CA SER E 34 -38.66 7.59 3.51
C SER E 34 -38.38 7.77 4.99
N LEU E 35 -39.44 7.97 5.78
CA LEU E 35 -39.33 8.25 7.20
C LEU E 35 -40.11 7.22 8.00
N ALA E 36 -39.68 7.01 9.24
CA ALA E 36 -40.32 6.08 10.16
C ALA E 36 -40.65 6.78 11.47
N SER E 37 -41.68 6.30 12.14
CA SER E 37 -42.14 6.87 13.40
C SER E 37 -42.02 5.80 14.48
N LEU E 38 -40.97 5.87 15.28
CA LEU E 38 -40.72 4.91 16.36
C LEU E 38 -41.65 5.25 17.52
N ASN E 39 -42.89 4.78 17.41
CA ASN E 39 -43.91 5.07 18.42
C ASN E 39 -43.65 4.23 19.66
N SER E 40 -43.34 4.89 20.78
CA SER E 40 -43.16 4.19 22.03
C SER E 40 -44.50 3.66 22.55
N PRO E 41 -44.48 2.57 23.33
CA PRO E 41 -45.72 2.01 23.87
C PRO E 41 -46.35 2.91 24.95
N ASN E 46 -53.30 8.88 24.10
CA ASN E 46 -53.38 7.52 24.62
C ASN E 46 -52.01 7.02 25.09
N GLN E 47 -51.82 5.69 25.07
CA GLN E 47 -50.58 5.10 25.55
C GLN E 47 -49.36 5.49 24.71
N LEU E 48 -49.57 5.99 23.49
CA LEU E 48 -48.46 6.39 22.62
C LEU E 48 -47.82 7.64 23.20
N VAL E 49 -46.71 7.47 23.92
CA VAL E 49 -46.06 8.60 24.57
C VAL E 49 -45.41 9.51 23.54
N ILE E 50 -44.67 8.94 22.59
CA ILE E 50 -43.95 9.72 21.59
C ILE E 50 -44.17 9.11 20.22
N SER E 51 -44.01 9.96 19.20
CA SER E 51 -44.11 9.56 17.80
C SER E 51 -42.97 10.20 17.01
N ARG E 52 -41.77 10.14 17.58
CA ARG E 52 -40.60 10.77 16.98
C ARG E 52 -40.37 10.27 15.56
N CYS E 53 -40.07 11.20 14.68
CA CYS E 53 -39.83 10.87 13.26
C CYS E 53 -38.41 10.38 13.10
N ALA E 54 -38.26 9.08 13.02
CA ALA E 54 -36.94 8.51 12.82
C ALA E 54 -36.60 8.54 11.33
N ASN E 55 -35.51 7.88 10.95
CA ASN E 55 -35.04 7.85 9.57
C ASN E 55 -35.24 6.45 9.01
N GLY E 56 -35.94 6.37 7.87
CA GLY E 56 -36.22 5.07 7.28
C GLY E 56 -34.97 4.36 6.80
N LEU E 57 -34.04 5.12 6.20
CA LEU E 57 -32.83 4.51 5.64
C LEU E 57 -32.01 3.84 6.73
N ASN E 58 -31.70 4.56 7.80
CA ASN E 58 -30.88 4.01 8.86
C ASN E 58 -31.57 2.85 9.56
N VAL E 59 -32.88 2.99 9.81
CA VAL E 59 -33.62 1.93 10.50
C VAL E 59 -33.64 0.65 9.66
N VAL E 60 -33.94 0.79 8.37
CA VAL E 60 -34.01 -0.39 7.52
C VAL E 60 -32.64 -1.01 7.34
N SER E 61 -31.58 -0.18 7.28
CA SER E 61 -30.23 -0.73 7.19
C SER E 61 -29.85 -1.49 8.45
N PHE E 62 -30.20 -0.95 9.63
CA PHE E 62 -29.89 -1.64 10.88
C PHE E 62 -30.65 -2.96 10.97
N PHE E 63 -31.92 -2.96 10.57
CA PHE E 63 -32.70 -4.20 10.60
C PHE E 63 -32.12 -5.22 9.63
N ILE E 64 -31.72 -4.77 8.44
CA ILE E 64 -31.14 -5.68 7.45
C ILE E 64 -29.84 -6.28 7.98
N SER E 65 -28.99 -5.44 8.59
CA SER E 65 -27.74 -5.94 9.14
C SER E 65 -27.98 -6.94 10.27
N ILE E 66 -28.97 -6.65 11.14
CA ILE E 66 -29.30 -7.58 12.22
C ILE E 66 -29.75 -8.92 11.65
N LEU E 67 -30.63 -8.86 10.63
CA LEU E 67 -31.12 -10.10 10.04
C LEU E 67 -30.01 -10.88 9.37
N LYS E 68 -29.11 -10.19 8.66
CA LYS E 68 -28.02 -10.88 7.99
C LYS E 68 -27.07 -11.51 8.99
N ARG E 69 -26.80 -10.82 10.11
CA ARG E 69 -25.93 -11.39 11.14
C ARG E 69 -26.59 -12.56 11.86
N SER E 70 -27.91 -12.53 12.02
CA SER E 70 -28.62 -13.60 12.71
C SER E 70 -29.13 -14.68 11.76
N SER E 71 -28.82 -14.58 10.46
CA SER E 71 -29.25 -15.58 9.48
C SER E 71 -28.87 -17.01 9.86
N SER E 72 -27.96 -17.19 10.82
CA SER E 72 -27.59 -18.55 11.22
C SER E 72 -28.78 -19.30 11.80
N ALA E 73 -29.70 -18.61 12.46
CA ALA E 73 -30.87 -19.22 13.08
C ALA E 73 -32.12 -18.40 12.77
N LEU E 74 -32.31 -18.05 11.50
CA LEU E 74 -33.48 -17.29 11.06
C LEU E 74 -34.58 -18.23 10.63
N THR E 75 -35.81 -17.92 11.02
CA THR E 75 -36.97 -18.72 10.67
C THR E 75 -37.45 -18.35 9.26
N GLY E 76 -38.47 -19.06 8.79
CA GLY E 76 -38.99 -18.81 7.45
C GLY E 76 -39.61 -17.43 7.32
N HIS E 77 -40.37 -17.00 8.32
CA HIS E 77 -40.99 -15.67 8.27
C HIS E 77 -39.93 -14.58 8.26
N LEU E 78 -38.89 -14.73 9.08
CA LEU E 78 -37.82 -13.73 9.09
C LEU E 78 -37.04 -13.73 7.78
N ARG E 79 -36.92 -14.88 7.13
CA ARG E 79 -36.22 -14.94 5.84
C ARG E 79 -36.96 -14.12 4.79
N GLU E 80 -38.27 -14.32 4.67
CA GLU E 80 -39.03 -13.53 3.71
C GLU E 80 -39.11 -12.06 4.13
N LEU E 81 -39.07 -11.78 5.43
CA LEU E 81 -39.00 -10.39 5.87
C LEU E 81 -37.70 -9.74 5.40
N LEU E 82 -36.58 -10.46 5.52
CA LEU E 82 -35.30 -9.95 5.04
C LEU E 82 -35.32 -9.74 3.53
N THR E 83 -35.90 -10.69 2.80
CA THR E 83 -36.00 -10.53 1.34
C THR E 83 -36.89 -9.35 0.96
N THR E 84 -37.93 -9.09 1.77
CA THR E 84 -38.81 -7.95 1.50
C THR E 84 -38.10 -6.63 1.78
N LEU E 85 -37.37 -6.55 2.89
CA LEU E 85 -36.59 -5.35 3.18
C LEU E 85 -35.51 -5.13 2.13
N GLU E 86 -34.94 -6.20 1.60
CA GLU E 86 -34.12 -6.12 0.42
C GLU E 86 -34.99 -5.79 -0.79
N THR E 87 -34.42 -5.02 -1.72
CA THR E 87 -35.10 -4.52 -2.91
C THR E 87 -36.17 -3.51 -2.53
N LEU E 88 -36.43 -3.35 -1.24
CA LEU E 88 -37.15 -2.18 -0.73
C LEU E 88 -36.17 -1.09 -0.33
N TYR E 89 -35.00 -1.54 0.07
CA TYR E 89 -33.99 -0.51 0.30
C TYR E 89 -33.69 -0.09 -1.15
N GLY E 90 -33.41 -1.06 -2.02
CA GLY E 90 -33.05 -0.69 -3.37
C GLY E 90 -34.17 -0.02 -4.14
N SER E 91 -35.43 -0.28 -3.77
CA SER E 91 -36.55 0.36 -4.43
C SER E 91 -36.54 1.87 -4.18
N PHE E 92 -36.20 2.28 -2.97
CA PHE E 92 -36.08 3.70 -2.68
C PHE E 92 -35.00 4.34 -3.54
N SER E 93 -33.79 3.78 -3.51
CA SER E 93 -32.67 4.22 -4.34
C SER E 93 -32.50 5.74 -4.27
N VAL E 94 -32.62 6.29 -3.07
CA VAL E 94 -32.67 7.73 -2.90
C VAL E 94 -31.26 8.31 -2.86
N GLU E 95 -30.72 8.66 -4.02
CA GLU E 95 -29.48 9.43 -4.06
C GLU E 95 -29.71 10.85 -3.57
N ASP E 96 -30.91 11.38 -3.76
CA ASP E 96 -31.26 12.70 -3.26
C ASP E 96 -32.78 12.80 -3.18
N LEU E 97 -33.24 13.76 -2.37
CA LEU E 97 -34.67 13.94 -2.15
C LEU E 97 -34.88 15.33 -1.56
N PHE E 98 -35.90 16.04 -2.05
CA PHE E 98 -36.13 17.43 -1.71
C PHE E 98 -37.37 17.57 -0.84
N GLY E 99 -37.29 18.44 0.15
CA GLY E 99 -38.39 18.70 1.07
C GLY E 99 -37.88 18.87 2.49
N ALA E 100 -38.70 19.53 3.31
CA ALA E 100 -38.40 19.75 4.72
C ALA E 100 -37.06 20.46 4.91
N ASN E 101 -36.98 21.66 4.34
CA ASN E 101 -35.76 22.47 4.44
C ASN E 101 -35.74 23.20 5.77
N LEU E 102 -34.62 23.09 6.48
CA LEU E 102 -34.46 23.73 7.79
C LEU E 102 -32.96 23.82 8.09
N ASN E 103 -32.64 24.18 9.33
CA ASN E 103 -31.26 24.34 9.76
C ASN E 103 -30.89 23.26 10.77
N ARG E 104 -29.58 23.09 10.95
CA ARG E 104 -29.05 22.11 11.89
C ARG E 104 -27.68 22.56 12.35
N TYR E 105 -27.23 22.00 13.48
CA TYR E 105 -25.94 22.34 14.05
C TYR E 105 -24.97 21.17 14.00
N ALA E 106 -25.34 20.03 14.58
CA ALA E 106 -24.46 18.87 14.61
C ALA E 106 -25.28 17.65 15.01
N TRP E 107 -24.65 16.50 14.89
CA TRP E 107 -25.21 15.24 15.39
C TRP E 107 -24.43 14.78 16.61
#